data_8VUM
#
_entry.id   8VUM
#
_cell.length_a   162.220
_cell.length_b   72.784
_cell.length_c   108.799
_cell.angle_alpha   90.000
_cell.angle_beta   99.726
_cell.angle_gamma   90.000
#
_symmetry.space_group_name_H-M   'C 1 2 1'
#
loop_
_entity.id
_entity.type
_entity.pdbx_description
1 polymer 'Reverse transcriptase/ribonuclease H'
2 polymer 'p51 RT'
3 non-polymer 1,2-ETHANEDIOL
4 non-polymer 'SULFATE ION'
5 non-polymer 'DIMETHYL SULFOXIDE'
6 non-polymer 'MAGNESIUM ION'
7 non-polymer 4-[(4-{[4-(4-cyano-2,6-dimethylphenoxy)-6,7-dimethoxyquinazolin-2-yl]amino}piperidin-1-yl)methyl]benzamide
8 water water
#
loop_
_entity_poly.entity_id
_entity_poly.type
_entity_poly.pdbx_seq_one_letter_code
_entity_poly.pdbx_strand_id
1 'polypeptide(L)'
;MVPISPIETVPVKLKPGMDGPKVKQWPLTEEKIKALVEICTEMEKEGKISKIGPENPYNTPVFAIKKKDSTKWRKLVDFR
ELNKRTQDFWEVQLGIPHPAGLPKNKSVTILDVGDAYFSVPLDEDFRKYTAFTIPSINNETPGIRYQYNVLPQGWKGSPA
IFQSSMTKILEPFAAQNPDIVIYQYMDDLYVGSDLEIGQHRTKIEELRQHLLRWGLTTPDKKHQKEPPFLWMGYELHPDK
WTVQPIVLPEKDSWTVNDIQKLVGKLNWASQIYPGIKVRQLSKLLRGTKALTEVIPLTEEAELELAENREILKEPVHGVY
YDPSKDLIAEIQKQGQGQWTYQIYQEPFKNLKTGKYARMRGAHTNDVKQLTEAVQKITTESIVIWGKTPKFKLPIQKETW
ETWWTEYWQATWIPEWEFVNTPPLVKLWYQLEKEPIVGAETFYVDGAANRETKLGKAGYVTNKGRQKVVPLTNTTNQKTE
LQAIYLALQDSGLEVNIVTDSQYALGIIQAQPDKSESELVNQIIEQLIKKEKVYLAWVPAHKGIGGNEQVDKLVSAG
;
A
2 'polypeptide(L)'
;PISPIETVPVKLKPGMDGPKVKQWPLTEEKIKALVEICTEMEKEGKISKIGPENPYNTPVFAIKKKDSTKWRKLVDFREL
NKRTQDFWEVQLGIPHPAGLKKKKSVTVLDVGDAYFSVPLDEDFRKYTAFTIPSINNETPGIRYQYNVLPQGWKGSPAIF
QSSMTKILEPFKKQNPDIVIYQYMDDLYVGSDLEIGQHRTKIEELRQHLLRWGLTTPDKKHQKEPPFLWMGYELHPDKWT
VQPIVLPEKDSWTVNDIQKLVGKLNWASQIYPGIKVRQLSKLLRGTKALTEVIPLTEEAELELAENREILKEPVHGVYYD
PSKDLIAEIQKQGQGQWTYQIYQEPFKNLKTGKYARMRGAHTNDVKQLTEAVQKITTESIVIWGKTPKFKLPIQKETWET
WWTEYWQATWIPEWEFVNTPPLVKLWYQ
;
B
#
loop_
_chem_comp.id
_chem_comp.type
_chem_comp.name
_chem_comp.formula
DMS non-polymer 'DIMETHYL SULFOXIDE' 'C2 H6 O S'
EDO non-polymer 1,2-ETHANEDIOL 'C2 H6 O2'
MG non-polymer 'MAGNESIUM ION' 'Mg 2'
PKX non-polymer 4-[(4-{[4-(4-cyano-2,6-dimethylphenoxy)-6,7-dimethoxyquinazolin-2-yl]amino}piperidin-1-yl)methyl]benzamide 'C32 H34 N6 O4'
SO4 non-polymer 'SULFATE ION' 'O4 S -2'
#
# COMPACT_ATOMS: atom_id res chain seq x y z
N MET A 1 -2.30 -33.72 -45.65
CA MET A 1 -1.96 -32.57 -44.82
C MET A 1 -3.20 -31.94 -44.19
N VAL A 2 -3.20 -31.84 -42.87
CA VAL A 2 -4.28 -31.21 -42.11
C VAL A 2 -3.90 -29.76 -41.84
N PRO A 3 -4.75 -28.80 -42.19
CA PRO A 3 -4.38 -27.39 -41.95
C PRO A 3 -4.23 -27.08 -40.48
N ILE A 4 -3.27 -26.21 -40.16
CA ILE A 4 -2.97 -25.81 -38.80
C ILE A 4 -3.26 -24.33 -38.64
N SER A 5 -3.75 -23.95 -37.47
CA SER A 5 -3.97 -22.54 -37.19
C SER A 5 -2.65 -21.87 -36.84
N PRO A 6 -2.29 -20.77 -37.50
CA PRO A 6 -1.01 -20.13 -37.21
C PRO A 6 -1.06 -19.39 -35.87
N ILE A 7 0.04 -19.48 -35.13
CA ILE A 7 0.17 -18.76 -33.87
C ILE A 7 0.49 -17.30 -34.18
N GLU A 8 -0.32 -16.39 -33.67
CA GLU A 8 -0.14 -14.97 -33.97
C GLU A 8 1.15 -14.47 -33.33
N THR A 9 1.98 -13.79 -34.14
CA THR A 9 3.25 -13.28 -33.65
C THR A 9 3.03 -12.05 -32.77
N VAL A 10 3.96 -11.83 -31.86
CA VAL A 10 3.93 -10.69 -30.94
C VAL A 10 4.88 -9.63 -31.49
N PRO A 11 4.41 -8.41 -31.74
CA PRO A 11 5.31 -7.35 -32.25
C PRO A 11 6.32 -6.94 -31.19
N VAL A 12 7.59 -7.18 -31.47
CA VAL A 12 8.68 -6.88 -30.54
C VAL A 12 9.56 -5.81 -31.18
N LYS A 13 9.94 -4.81 -30.37
CA LYS A 13 10.83 -3.74 -30.82
C LYS A 13 11.97 -3.58 -29.83
N LEU A 14 13.08 -3.05 -30.32
CA LEU A 14 14.21 -2.76 -29.44
C LEU A 14 13.89 -1.53 -28.58
N LYS A 15 14.75 -1.29 -27.60
CA LYS A 15 14.60 -0.10 -26.78
C LYS A 15 14.84 1.15 -27.62
N PRO A 16 14.15 2.25 -27.31
CA PRO A 16 14.29 3.46 -28.12
C PRO A 16 15.73 3.98 -28.11
N GLY A 17 16.23 4.31 -29.30
CA GLY A 17 17.58 4.78 -29.46
C GLY A 17 18.65 3.71 -29.47
N MET A 18 18.28 2.45 -29.30
CA MET A 18 19.22 1.34 -29.25
C MET A 18 19.19 0.57 -30.56
N ASP A 19 20.30 -0.12 -30.84
CA ASP A 19 20.43 -0.97 -32.02
C ASP A 19 20.70 -2.40 -31.58
N GLY A 20 20.71 -3.31 -32.56
CA GLY A 20 20.95 -4.70 -32.29
C GLY A 20 22.40 -4.97 -31.90
N PRO A 21 22.65 -6.15 -31.36
CA PRO A 21 24.02 -6.49 -30.92
C PRO A 21 24.92 -6.78 -32.10
N LYS A 22 26.21 -6.47 -31.92
CA LYS A 22 27.23 -6.71 -32.93
C LYS A 22 28.48 -7.27 -32.24
N VAL A 23 28.34 -8.45 -31.64
CA VAL A 23 29.41 -9.10 -30.91
C VAL A 23 30.15 -10.05 -31.84
N LYS A 24 31.47 -10.06 -31.74
CA LYS A 24 32.29 -10.93 -32.56
C LYS A 24 32.13 -12.39 -32.14
N GLN A 25 32.20 -13.28 -33.13
CA GLN A 25 32.08 -14.71 -32.87
C GLN A 25 33.37 -15.26 -32.28
N TRP A 26 33.23 -16.07 -31.24
CA TRP A 26 34.39 -16.67 -30.59
C TRP A 26 35.07 -17.68 -31.51
N PRO A 27 36.40 -17.72 -31.55
CA PRO A 27 37.08 -18.79 -32.28
C PRO A 27 36.91 -20.13 -31.59
N LEU A 28 36.20 -21.05 -32.23
CA LEU A 28 35.88 -22.35 -31.65
C LEU A 28 36.81 -23.43 -32.19
N THR A 29 36.85 -24.55 -31.47
CA THR A 29 37.65 -25.69 -31.88
C THR A 29 36.99 -26.41 -33.05
N GLU A 30 37.75 -27.32 -33.67
CA GLU A 30 37.24 -28.03 -34.83
C GLU A 30 36.15 -29.04 -34.44
N GLU A 31 36.24 -29.60 -33.22
CA GLU A 31 35.22 -30.55 -32.78
C GLU A 31 33.91 -29.86 -32.45
N LYS A 32 33.96 -28.62 -31.97
CA LYS A 32 32.73 -27.90 -31.66
C LYS A 32 32.05 -27.40 -32.94
N ILE A 33 32.84 -26.99 -33.93
CA ILE A 33 32.28 -26.49 -35.18
C ILE A 33 31.49 -27.59 -35.88
N LYS A 34 32.08 -28.79 -35.98
CA LYS A 34 31.38 -29.90 -36.61
C LYS A 34 30.09 -30.25 -35.88
N ALA A 35 30.06 -30.07 -34.56
CA ALA A 35 28.85 -30.37 -33.81
C ALA A 35 27.77 -29.30 -34.03
N LEU A 36 28.19 -28.03 -34.12
CA LEU A 36 27.21 -26.96 -34.30
C LEU A 36 26.62 -26.97 -35.70
N VAL A 37 27.41 -27.37 -36.71
CA VAL A 37 26.89 -27.45 -38.07
C VAL A 37 25.88 -28.59 -38.19
N GLU A 38 26.10 -29.69 -37.45
CA GLU A 38 25.20 -30.83 -37.55
C GLU A 38 23.85 -30.54 -36.93
N ILE A 39 23.83 -29.82 -35.80
CA ILE A 39 22.56 -29.53 -35.13
C ILE A 39 21.83 -28.40 -35.84
N CYS A 40 22.56 -27.38 -36.33
CA CYS A 40 21.90 -26.31 -37.06
C CYS A 40 21.36 -26.79 -38.40
N THR A 41 21.96 -27.85 -38.96
CA THR A 41 21.39 -28.46 -40.16
C THR A 41 20.02 -29.08 -39.86
N GLU A 42 19.88 -29.67 -38.66
CA GLU A 42 18.60 -30.25 -38.27
C GLU A 42 17.61 -29.16 -37.86
N MET A 43 18.09 -28.12 -37.18
CA MET A 43 17.20 -27.03 -36.78
C MET A 43 16.70 -26.23 -37.99
N GLU A 44 17.49 -26.20 -39.06
CA GLU A 44 17.08 -25.44 -40.25
C GLU A 44 15.97 -26.18 -41.01
N LYS A 45 16.09 -27.50 -41.16
CA LYS A 45 15.07 -28.25 -41.86
C LYS A 45 13.78 -28.36 -41.07
N GLU A 46 13.82 -28.12 -39.76
CA GLU A 46 12.62 -28.08 -38.95
C GLU A 46 11.99 -26.70 -38.88
N GLY A 47 12.51 -25.73 -39.63
CA GLY A 47 11.94 -24.40 -39.68
C GLY A 47 12.25 -23.51 -38.50
N LYS A 48 13.11 -23.95 -37.58
CA LYS A 48 13.42 -23.13 -36.40
C LYS A 48 14.34 -21.98 -36.75
N ILE A 49 15.31 -22.21 -37.65
CA ILE A 49 16.25 -21.18 -38.07
C ILE A 49 16.31 -21.17 -39.60
N SER A 50 16.96 -20.14 -40.13
CA SER A 50 17.10 -19.99 -41.58
C SER A 50 18.39 -19.27 -41.88
N LYS A 51 19.04 -19.67 -42.98
CA LYS A 51 20.29 -19.04 -43.39
C LYS A 51 20.01 -17.63 -43.92
N ILE A 52 21.05 -16.79 -43.84
CA ILE A 52 21.00 -15.41 -44.31
C ILE A 52 22.31 -15.10 -45.02
N GLY A 53 22.39 -13.89 -45.56
CA GLY A 53 23.57 -13.45 -46.27
C GLY A 53 24.39 -12.46 -45.48
N PRO A 54 25.39 -11.85 -46.13
CA PRO A 54 26.25 -10.88 -45.42
C PRO A 54 25.62 -9.52 -45.20
N GLU A 55 24.36 -9.32 -45.61
CA GLU A 55 23.73 -8.02 -45.44
C GLU A 55 23.40 -7.74 -43.98
N ASN A 56 23.11 -8.77 -43.20
CA ASN A 56 22.77 -8.59 -41.79
C ASN A 56 24.01 -8.17 -41.00
N PRO A 57 24.04 -6.97 -40.43
CA PRO A 57 25.23 -6.52 -39.70
C PRO A 57 25.31 -7.02 -38.27
N TYR A 58 24.26 -7.64 -37.75
CA TYR A 58 24.22 -8.06 -36.36
C TYR A 58 24.82 -9.45 -36.19
N ASN A 59 25.20 -9.77 -34.96
CA ASN A 59 25.79 -11.06 -34.65
C ASN A 59 25.72 -11.30 -33.15
N THR A 60 25.55 -12.58 -32.79
CA THR A 60 25.49 -13.01 -31.40
C THR A 60 26.38 -14.24 -31.26
N PRO A 61 27.28 -14.28 -30.28
CA PRO A 61 28.21 -15.41 -30.17
C PRO A 61 27.48 -16.69 -29.78
N VAL A 62 27.85 -17.77 -30.47
CA VAL A 62 27.28 -19.09 -30.22
C VAL A 62 28.38 -19.99 -29.65
N PHE A 63 28.03 -20.77 -28.64
CA PHE A 63 28.96 -21.65 -27.94
C PHE A 63 28.55 -23.11 -28.14
N ALA A 64 29.34 -24.01 -27.56
CA ALA A 64 29.07 -25.44 -27.63
C ALA A 64 29.52 -26.07 -26.33
N ILE A 65 28.58 -26.68 -25.60
CA ILE A 65 28.87 -27.29 -24.32
C ILE A 65 28.54 -28.79 -24.39
N LYS A 66 29.05 -29.53 -23.41
CA LYS A 66 28.88 -30.97 -23.35
C LYS A 66 28.63 -31.38 -21.90
N LYS A 67 27.73 -32.34 -21.71
CA LYS A 67 27.35 -32.77 -20.37
C LYS A 67 28.35 -33.77 -19.82
N LYS A 68 27.97 -34.48 -18.75
CA LYS A 68 28.89 -35.43 -18.10
C LYS A 68 28.94 -36.75 -18.86
N ASP A 69 27.87 -37.54 -18.78
CA ASP A 69 27.83 -38.85 -19.43
C ASP A 69 27.34 -38.79 -20.86
N SER A 70 26.40 -37.89 -21.17
CA SER A 70 25.89 -37.77 -22.53
C SER A 70 26.99 -37.27 -23.45
N THR A 71 27.47 -38.14 -24.35
CA THR A 71 28.53 -37.80 -25.29
C THR A 71 27.96 -37.04 -26.50
N LYS A 72 27.24 -35.96 -26.19
CA LYS A 72 26.58 -35.15 -27.19
C LYS A 72 26.81 -33.68 -26.90
N TRP A 73 27.28 -32.94 -27.90
CA TRP A 73 27.42 -31.50 -27.75
C TRP A 73 26.08 -30.82 -27.96
N ARG A 74 25.98 -29.58 -27.45
CA ARG A 74 24.76 -28.81 -27.57
C ARG A 74 25.12 -27.34 -27.69
N LYS A 75 24.39 -26.64 -28.57
CA LYS A 75 24.64 -25.22 -28.77
C LYS A 75 24.13 -24.41 -27.58
N LEU A 76 24.58 -23.16 -27.52
CA LEU A 76 24.14 -22.24 -26.45
C LEU A 76 24.41 -20.82 -26.94
N VAL A 77 23.38 -20.21 -27.52
CA VAL A 77 23.48 -18.84 -28.03
C VAL A 77 23.37 -17.88 -26.85
N ASP A 78 24.37 -17.02 -26.68
CA ASP A 78 24.45 -16.12 -25.53
C ASP A 78 23.83 -14.78 -25.92
N PHE A 79 22.54 -14.64 -25.66
CA PHE A 79 21.82 -13.41 -26.02
C PHE A 79 21.94 -12.36 -24.94
N ARG A 80 23.06 -12.37 -24.20
CA ARG A 80 23.25 -11.40 -23.13
C ARG A 80 23.22 -9.97 -23.64
N GLU A 81 23.88 -9.73 -24.78
CA GLU A 81 23.91 -8.37 -25.33
C GLU A 81 22.56 -7.98 -25.93
N LEU A 82 21.83 -8.95 -26.50
CA LEU A 82 20.53 -8.63 -27.09
C LEU A 82 19.49 -8.35 -26.01
N ASN A 83 19.56 -9.07 -24.88
CA ASN A 83 18.60 -8.85 -23.80
C ASN A 83 18.75 -7.45 -23.20
N LYS A 84 19.95 -6.90 -23.22
CA LYS A 84 20.15 -5.53 -22.74
C LYS A 84 19.50 -4.50 -23.65
N ARG A 85 19.33 -4.84 -24.92
CA ARG A 85 18.80 -3.92 -25.91
C ARG A 85 17.35 -4.22 -26.29
N THR A 86 16.77 -5.29 -25.76
CA THR A 86 15.39 -5.64 -26.03
C THR A 86 14.45 -4.92 -25.07
N GLN A 87 13.27 -4.57 -25.55
CA GLN A 87 12.28 -3.88 -24.74
C GLN A 87 11.90 -4.72 -23.53
N ASP A 88 11.36 -4.04 -22.51
CA ASP A 88 10.80 -4.73 -21.37
C ASP A 88 9.44 -5.32 -21.71
N PHE A 89 9.12 -6.44 -21.07
CA PHE A 89 7.86 -7.14 -21.30
C PHE A 89 7.09 -7.26 -20.00
N TRP A 90 5.87 -7.78 -20.10
CA TRP A 90 5.02 -8.02 -18.94
C TRP A 90 5.13 -9.49 -18.56
N GLU A 91 5.80 -9.76 -17.44
CA GLU A 91 6.00 -11.12 -16.98
C GLU A 91 4.76 -11.61 -16.25
N VAL A 92 4.16 -12.68 -16.76
CA VAL A 92 2.97 -13.26 -16.17
C VAL A 92 3.31 -14.48 -15.31
N GLN A 93 4.56 -14.63 -14.90
CA GLN A 93 5.02 -15.79 -14.15
C GLN A 93 5.79 -15.36 -12.89
N LEU A 94 5.45 -14.20 -12.34
CA LEU A 94 6.15 -13.73 -11.14
C LEU A 94 5.69 -14.48 -9.89
N GLY A 95 4.38 -14.69 -9.75
CA GLY A 95 3.85 -15.35 -8.57
C GLY A 95 3.72 -16.85 -8.73
N ILE A 96 3.66 -17.54 -7.60
CA ILE A 96 3.53 -18.99 -7.55
C ILE A 96 2.37 -19.35 -6.64
N PRO A 97 1.47 -20.25 -7.05
CA PRO A 97 0.34 -20.62 -6.20
C PRO A 97 0.79 -21.27 -4.91
N HIS A 98 0.11 -20.93 -3.82
CA HIS A 98 0.39 -21.57 -2.54
C HIS A 98 -0.54 -22.76 -2.36
N PRO A 99 -0.03 -23.91 -1.91
CA PRO A 99 -0.88 -25.11 -1.80
C PRO A 99 -2.06 -24.95 -0.86
N ALA A 100 -1.99 -24.03 0.11
CA ALA A 100 -3.10 -23.86 1.04
C ALA A 100 -4.34 -23.27 0.38
N GLY A 101 -4.20 -22.66 -0.80
CA GLY A 101 -5.34 -22.11 -1.50
C GLY A 101 -5.85 -23.02 -2.60
N LEU A 102 -5.08 -24.03 -2.96
CA LEU A 102 -5.48 -24.95 -4.00
C LEU A 102 -6.49 -25.95 -3.47
N PRO A 103 -7.63 -26.14 -4.13
CA PRO A 103 -8.63 -27.08 -3.63
C PRO A 103 -8.27 -28.51 -4.01
N LYS A 104 -9.15 -29.44 -3.64
CA LYS A 104 -8.96 -30.85 -3.95
C LYS A 104 -9.14 -31.08 -5.45
N ASN A 105 -8.19 -31.77 -6.06
CA ASN A 105 -8.29 -32.20 -7.46
C ASN A 105 -7.66 -33.57 -7.56
N LYS A 106 -8.50 -34.61 -7.51
CA LYS A 106 -8.01 -35.99 -7.49
C LYS A 106 -7.30 -36.35 -8.79
N SER A 107 -8.03 -36.33 -9.90
CA SER A 107 -7.45 -36.67 -11.19
C SER A 107 -6.47 -35.60 -11.63
N VAL A 108 -5.26 -36.02 -12.00
CA VAL A 108 -4.20 -35.10 -12.42
C VAL A 108 -3.43 -35.73 -13.56
N THR A 109 -3.13 -34.91 -14.57
CA THR A 109 -2.33 -35.33 -15.72
C THR A 109 -1.41 -34.19 -16.12
N ILE A 110 -0.11 -34.43 -16.09
CA ILE A 110 0.89 -33.42 -16.41
C ILE A 110 1.37 -33.65 -17.83
N LEU A 111 1.18 -32.67 -18.70
CA LEU A 111 1.61 -32.75 -20.08
C LEU A 111 2.91 -31.98 -20.28
N ASP A 112 3.63 -32.32 -21.35
CA ASP A 112 4.89 -31.68 -21.70
C ASP A 112 4.73 -31.00 -23.06
N VAL A 113 4.76 -29.67 -23.05
CA VAL A 113 4.67 -28.90 -24.29
C VAL A 113 6.06 -28.42 -24.69
N GLY A 114 7.07 -29.27 -24.47
CA GLY A 114 8.42 -28.91 -24.84
C GLY A 114 8.58 -28.71 -26.34
N ASP A 115 7.95 -29.58 -27.13
CA ASP A 115 7.99 -29.41 -28.58
C ASP A 115 7.17 -28.23 -29.05
N ALA A 116 6.24 -27.73 -28.22
CA ALA A 116 5.47 -26.54 -28.56
C ALA A 116 6.20 -25.26 -28.22
N TYR A 117 7.24 -25.33 -27.39
CA TYR A 117 7.99 -24.13 -27.03
C TYR A 117 8.74 -23.57 -28.23
N PHE A 118 9.29 -24.45 -29.08
CA PHE A 118 10.04 -24.05 -30.25
C PHE A 118 9.17 -23.94 -31.50
N SER A 119 7.85 -24.05 -31.35
CA SER A 119 6.93 -23.91 -32.47
C SER A 119 6.30 -22.52 -32.57
N VAL A 120 6.40 -21.71 -31.52
CA VAL A 120 5.85 -20.35 -31.52
C VAL A 120 6.75 -19.46 -32.36
N PRO A 121 6.24 -18.85 -33.42
CA PRO A 121 7.10 -18.04 -34.30
C PRO A 121 7.46 -16.71 -33.67
N LEU A 122 8.54 -16.14 -34.18
CA LEU A 122 9.04 -14.83 -33.76
C LEU A 122 8.61 -13.78 -34.77
N ASP A 123 8.46 -12.54 -34.29
CA ASP A 123 8.13 -11.42 -35.17
C ASP A 123 9.19 -11.29 -36.26
N GLU A 124 8.75 -11.24 -37.52
CA GLU A 124 9.67 -11.26 -38.64
C GLU A 124 10.53 -10.01 -38.69
N ASP A 125 10.00 -8.86 -38.26
CA ASP A 125 10.79 -7.63 -38.25
C ASP A 125 11.86 -7.62 -37.17
N PHE A 126 11.90 -8.64 -36.32
CA PHE A 126 12.87 -8.73 -35.23
C PHE A 126 13.85 -9.88 -35.40
N ARG A 127 13.60 -10.80 -36.33
CA ARG A 127 14.45 -11.98 -36.48
C ARG A 127 15.87 -11.60 -36.91
N LYS A 128 16.04 -10.47 -37.60
CA LYS A 128 17.35 -10.05 -38.05
C LYS A 128 18.31 -9.77 -36.90
N TYR A 129 17.78 -9.49 -35.70
CA TYR A 129 18.62 -9.22 -34.54
C TYR A 129 19.17 -10.47 -33.88
N THR A 130 18.51 -11.63 -34.08
CA THR A 130 18.97 -12.89 -33.53
C THR A 130 20.06 -13.55 -34.39
N ALA A 131 20.87 -12.75 -35.08
CA ALA A 131 21.89 -13.31 -35.95
C ALA A 131 23.03 -13.94 -35.15
N PHE A 132 23.47 -15.11 -35.59
CA PHE A 132 24.62 -15.77 -35.01
C PHE A 132 25.39 -16.47 -36.12
N THR A 133 26.72 -16.51 -35.96
CA THR A 133 27.62 -17.04 -36.97
C THR A 133 28.40 -18.21 -36.40
N ILE A 134 28.37 -19.34 -37.09
CA ILE A 134 29.19 -20.49 -36.74
C ILE A 134 30.54 -20.33 -37.44
N PRO A 135 31.66 -20.30 -36.71
CA PRO A 135 32.96 -20.15 -37.37
C PRO A 135 33.29 -21.35 -38.24
N SER A 136 34.01 -21.08 -39.31
CA SER A 136 34.39 -22.13 -40.25
C SER A 136 35.67 -22.83 -39.79
N ILE A 137 35.94 -23.98 -40.41
CA ILE A 137 37.14 -24.73 -40.07
C ILE A 137 38.36 -23.99 -40.62
N ASN A 138 39.30 -23.68 -39.74
CA ASN A 138 40.54 -22.98 -40.05
C ASN A 138 40.32 -21.57 -40.58
N ASN A 139 39.10 -21.04 -40.46
CA ASN A 139 38.77 -19.67 -40.87
C ASN A 139 39.14 -19.42 -42.33
N GLU A 140 38.95 -20.43 -43.17
CA GLU A 140 39.28 -20.32 -44.59
C GLU A 140 38.05 -20.16 -45.48
N THR A 141 36.85 -20.22 -44.92
CA THR A 141 35.62 -19.98 -45.64
C THR A 141 34.73 -19.06 -44.81
N PRO A 142 33.83 -18.31 -45.44
CA PRO A 142 32.92 -17.45 -44.67
C PRO A 142 32.06 -18.27 -43.72
N GLY A 143 31.86 -17.72 -42.52
CA GLY A 143 31.07 -18.42 -41.53
C GLY A 143 29.61 -18.50 -41.92
N ILE A 144 29.00 -19.66 -41.66
CA ILE A 144 27.59 -19.85 -41.98
C ILE A 144 26.74 -19.09 -40.97
N ARG A 145 25.86 -18.25 -41.47
CA ARG A 145 25.05 -17.36 -40.62
C ARG A 145 23.59 -17.79 -40.68
N TYR A 146 22.95 -17.84 -39.52
CA TYR A 146 21.53 -18.16 -39.39
C TYR A 146 20.81 -17.04 -38.66
N GLN A 147 19.49 -17.17 -38.59
CA GLN A 147 18.67 -16.32 -37.73
C GLN A 147 17.48 -17.14 -37.26
N TYR A 148 17.06 -16.89 -36.02
CA TYR A 148 15.97 -17.65 -35.43
C TYR A 148 14.64 -17.22 -36.04
N ASN A 149 13.82 -18.21 -36.41
CA ASN A 149 12.44 -17.96 -36.83
C ASN A 149 11.44 -18.17 -35.71
N VAL A 150 11.84 -18.86 -34.64
CA VAL A 150 10.96 -19.09 -33.50
C VAL A 150 11.59 -18.48 -32.26
N LEU A 151 10.89 -18.57 -31.13
CA LEU A 151 11.39 -18.01 -29.88
C LEU A 151 12.66 -18.73 -29.45
N PRO A 152 13.79 -18.04 -29.34
CA PRO A 152 15.05 -18.71 -29.00
C PRO A 152 15.19 -18.94 -27.50
N GLN A 153 15.81 -20.06 -27.17
CA GLN A 153 16.05 -20.41 -25.77
C GLN A 153 17.16 -19.53 -25.21
N GLY A 154 16.83 -18.72 -24.21
CA GLY A 154 17.77 -17.78 -23.62
C GLY A 154 17.48 -16.33 -23.92
N TRP A 155 16.50 -16.04 -24.78
CA TRP A 155 16.15 -14.67 -25.11
C TRP A 155 15.26 -14.08 -24.03
N LYS A 156 15.29 -12.75 -23.93
CA LYS A 156 14.56 -12.06 -22.86
C LYS A 156 13.06 -12.29 -22.97
N GLY A 157 12.49 -12.08 -24.15
CA GLY A 157 11.06 -12.21 -24.33
C GLY A 157 10.53 -13.60 -24.59
N SER A 158 11.39 -14.61 -24.59
CA SER A 158 10.93 -15.97 -24.89
C SER A 158 9.97 -16.51 -23.83
N PRO A 159 10.27 -16.44 -22.53
CA PRO A 159 9.32 -17.03 -21.56
C PRO A 159 7.97 -16.33 -21.53
N ALA A 160 7.94 -15.00 -21.69
CA ALA A 160 6.68 -14.28 -21.59
C ALA A 160 5.83 -14.44 -22.85
N ILE A 161 6.45 -14.45 -24.02
CA ILE A 161 5.70 -14.62 -25.26
C ILE A 161 5.14 -16.03 -25.36
N PHE A 162 5.90 -17.02 -24.90
CA PHE A 162 5.44 -18.41 -24.95
C PHE A 162 4.23 -18.62 -24.06
N GLN A 163 4.30 -18.15 -22.81
CA GLN A 163 3.18 -18.35 -21.88
C GLN A 163 1.95 -17.56 -22.32
N SER A 164 2.16 -16.36 -22.88
CA SER A 164 1.04 -15.59 -23.40
C SER A 164 0.40 -16.27 -24.59
N SER A 165 1.22 -16.83 -25.50
CA SER A 165 0.69 -17.57 -26.63
C SER A 165 0.01 -18.85 -26.19
N MET A 166 0.53 -19.51 -25.15
CA MET A 166 -0.10 -20.72 -24.64
C MET A 166 -1.42 -20.40 -23.94
N THR A 167 -1.45 -19.31 -23.17
CA THR A 167 -2.68 -18.92 -22.49
C THR A 167 -3.77 -18.56 -23.49
N LYS A 168 -3.40 -17.88 -24.57
CA LYS A 168 -4.38 -17.49 -25.59
C LYS A 168 -5.01 -18.72 -26.24
N ILE A 169 -4.23 -19.78 -26.41
CA ILE A 169 -4.75 -21.00 -27.02
C ILE A 169 -5.62 -21.77 -26.04
N LEU A 170 -5.24 -21.79 -24.75
CA LEU A 170 -5.97 -22.53 -23.74
C LEU A 170 -7.23 -21.83 -23.26
N GLU A 171 -7.46 -20.58 -23.67
CA GLU A 171 -8.63 -19.85 -23.17
C GLU A 171 -9.95 -20.49 -23.58
N PRO A 172 -10.20 -20.82 -24.85
CA PRO A 172 -11.50 -21.44 -25.17
C PRO A 172 -11.69 -22.82 -24.56
N PHE A 173 -10.61 -23.58 -24.38
CA PHE A 173 -10.74 -24.89 -23.76
C PHE A 173 -11.03 -24.78 -22.27
N ALA A 174 -10.35 -23.86 -21.58
CA ALA A 174 -10.57 -23.66 -20.16
C ALA A 174 -11.90 -22.98 -19.85
N ALA A 175 -12.58 -22.45 -20.87
CA ALA A 175 -13.87 -21.79 -20.66
C ALA A 175 -15.04 -22.73 -20.90
N GLN A 176 -14.92 -23.63 -21.89
CA GLN A 176 -15.97 -24.58 -22.21
C GLN A 176 -15.87 -25.86 -21.41
N ASN A 177 -14.86 -25.99 -20.55
CA ASN A 177 -14.71 -27.14 -19.66
C ASN A 177 -14.44 -26.60 -18.25
N PRO A 178 -15.47 -26.10 -17.57
CA PRO A 178 -15.25 -25.50 -16.24
C PRO A 178 -14.79 -26.50 -15.19
N ASP A 179 -15.05 -27.79 -15.36
CA ASP A 179 -14.61 -28.81 -14.43
C ASP A 179 -13.16 -29.24 -14.67
N ILE A 180 -12.37 -28.41 -15.35
CA ILE A 180 -10.98 -28.69 -15.65
C ILE A 180 -10.16 -27.45 -15.33
N VAL A 181 -9.09 -27.61 -14.56
CA VAL A 181 -8.16 -26.53 -14.26
C VAL A 181 -6.83 -26.85 -14.93
N ILE A 182 -6.18 -25.82 -15.47
CA ILE A 182 -4.93 -25.96 -16.19
C ILE A 182 -3.95 -24.91 -15.65
N TYR A 183 -2.81 -25.36 -15.17
CA TYR A 183 -1.77 -24.47 -14.66
C TYR A 183 -0.57 -24.49 -15.60
N GLN A 184 -0.10 -23.30 -15.98
CA GLN A 184 0.99 -23.16 -16.93
C GLN A 184 2.27 -22.78 -16.19
N TYR A 185 3.35 -23.48 -16.49
CA TYR A 185 4.65 -23.20 -15.88
C TYR A 185 5.73 -23.85 -16.72
N MET A 186 6.63 -23.05 -17.29
CA MET A 186 7.72 -23.52 -18.14
C MET A 186 7.11 -24.28 -19.31
N ASP A 187 7.71 -25.39 -19.75
CA ASP A 187 7.17 -26.21 -20.81
C ASP A 187 6.27 -27.34 -20.29
N ASP A 188 5.58 -27.11 -19.17
CA ASP A 188 4.75 -28.12 -18.54
C ASP A 188 3.35 -27.56 -18.33
N LEU A 189 2.34 -28.42 -18.50
CA LEU A 189 0.95 -28.07 -18.24
C LEU A 189 0.40 -29.03 -17.19
N TYR A 190 -0.06 -28.48 -16.07
CA TYR A 190 -0.60 -29.27 -14.97
C TYR A 190 -2.12 -29.21 -15.03
N VAL A 191 -2.73 -30.31 -15.45
CA VAL A 191 -4.17 -30.40 -15.64
C VAL A 191 -4.75 -31.27 -14.52
N GLY A 192 -5.79 -30.78 -13.85
CA GLY A 192 -6.41 -31.51 -12.78
C GLY A 192 -7.92 -31.34 -12.81
N SER A 193 -8.59 -32.23 -12.08
CA SER A 193 -10.05 -32.21 -12.01
C SER A 193 -10.49 -33.11 -10.85
N ASP A 194 -11.78 -33.04 -10.54
CA ASP A 194 -12.39 -33.89 -9.51
C ASP A 194 -13.24 -35.01 -10.10
N LEU A 195 -13.35 -35.09 -11.43
CA LEU A 195 -14.10 -36.16 -12.04
C LEU A 195 -13.32 -37.47 -11.94
N GLU A 196 -14.03 -38.57 -12.18
CA GLU A 196 -13.34 -39.86 -12.22
C GLU A 196 -12.39 -39.90 -13.40
N ILE A 197 -11.37 -40.76 -13.29
CA ILE A 197 -10.28 -40.76 -14.27
C ILE A 197 -10.80 -41.08 -15.67
N GLY A 198 -11.90 -41.85 -15.76
CA GLY A 198 -12.47 -42.15 -17.06
C GLY A 198 -12.85 -40.91 -17.83
N GLN A 199 -13.48 -39.94 -17.16
CA GLN A 199 -13.78 -38.66 -17.78
C GLN A 199 -12.55 -37.76 -17.88
N HIS A 200 -11.53 -38.00 -17.06
CA HIS A 200 -10.36 -37.12 -17.07
C HIS A 200 -9.53 -37.32 -18.33
N ARG A 201 -9.16 -38.57 -18.63
CA ARG A 201 -8.33 -38.84 -19.80
C ARG A 201 -9.03 -38.43 -21.08
N THR A 202 -10.35 -38.66 -21.16
CA THR A 202 -11.09 -38.24 -22.34
C THR A 202 -10.99 -36.74 -22.55
N LYS A 203 -11.06 -35.96 -21.47
CA LYS A 203 -10.85 -34.53 -21.58
C LYS A 203 -9.38 -34.19 -21.79
N ILE A 204 -8.48 -35.05 -21.32
CA ILE A 204 -7.06 -34.88 -21.65
C ILE A 204 -6.85 -35.09 -23.14
N GLU A 205 -7.44 -36.15 -23.70
CA GLU A 205 -7.37 -36.36 -25.14
C GLU A 205 -8.08 -35.25 -25.91
N GLU A 206 -9.13 -34.67 -25.32
CA GLU A 206 -9.75 -33.49 -25.92
C GLU A 206 -8.77 -32.31 -25.93
N LEU A 207 -7.99 -32.17 -24.87
CA LEU A 207 -6.96 -31.12 -24.85
C LEU A 207 -5.88 -31.41 -25.88
N ARG A 208 -5.54 -32.68 -26.08
CA ARG A 208 -4.58 -33.04 -27.12
C ARG A 208 -5.16 -32.82 -28.51
N GLN A 209 -6.47 -33.00 -28.67
CA GLN A 209 -7.13 -32.69 -29.93
C GLN A 209 -7.35 -31.20 -30.14
N HIS A 210 -7.21 -30.39 -29.09
CA HIS A 210 -7.33 -28.95 -29.22
C HIS A 210 -6.00 -28.29 -29.54
N LEU A 211 -4.90 -28.80 -28.97
CA LEU A 211 -3.59 -28.21 -29.22
C LEU A 211 -3.04 -28.61 -30.58
N LEU A 212 -3.48 -29.76 -31.12
CA LEU A 212 -3.02 -30.16 -32.44
C LEU A 212 -3.59 -29.28 -33.55
N ARG A 213 -4.67 -28.54 -33.27
CA ARG A 213 -5.20 -27.61 -34.26
C ARG A 213 -4.24 -26.47 -34.54
N TRP A 214 -3.29 -26.23 -33.63
CA TRP A 214 -2.16 -25.35 -33.89
C TRP A 214 -0.88 -26.11 -34.19
N GLY A 215 -0.96 -27.44 -34.27
CA GLY A 215 0.20 -28.26 -34.57
C GLY A 215 1.19 -28.36 -33.42
N LEU A 216 0.70 -28.76 -32.25
CA LEU A 216 1.52 -28.88 -31.05
C LEU A 216 1.45 -30.31 -30.56
N THR A 217 2.53 -31.06 -30.78
CA THR A 217 2.61 -32.46 -30.33
C THR A 217 2.80 -32.48 -28.81
N THR A 218 1.73 -32.81 -28.09
CA THR A 218 1.72 -32.79 -26.62
C THR A 218 1.34 -34.16 -26.10
N PRO A 219 2.32 -35.03 -25.84
CA PRO A 219 2.00 -36.35 -25.25
C PRO A 219 2.14 -36.34 -23.74
N ASP A 220 1.96 -37.50 -23.11
CA ASP A 220 2.14 -37.60 -21.67
C ASP A 220 3.62 -37.43 -21.31
N LYS A 221 3.86 -36.99 -20.09
CA LYS A 221 5.22 -36.80 -19.61
C LYS A 221 5.92 -38.14 -19.44
N LYS A 222 7.15 -38.23 -19.94
CA LYS A 222 7.95 -39.43 -19.76
C LYS A 222 8.32 -39.60 -18.29
N HIS A 223 8.20 -40.82 -17.78
CA HIS A 223 8.48 -41.17 -16.39
C HIS A 223 7.64 -40.29 -15.45
N GLN A 224 6.35 -40.60 -15.43
CA GLN A 224 5.41 -39.87 -14.59
C GLN A 224 5.75 -40.08 -13.12
N LYS A 225 5.63 -39.01 -12.33
CA LYS A 225 6.09 -39.00 -10.96
C LYS A 225 5.13 -39.79 -10.05
N GLU A 226 5.61 -40.07 -8.85
CA GLU A 226 4.84 -40.75 -7.83
C GLU A 226 3.83 -39.79 -7.21
N PRO A 227 2.91 -40.30 -6.39
CA PRO A 227 1.90 -39.43 -5.76
C PRO A 227 2.49 -38.19 -5.11
N PRO A 228 3.57 -38.32 -4.28
CA PRO A 228 4.12 -37.09 -3.67
C PRO A 228 4.84 -36.20 -4.67
N PHE A 229 4.11 -35.23 -5.25
CA PHE A 229 4.69 -34.35 -6.25
C PHE A 229 5.71 -33.41 -5.62
N LEU A 230 6.85 -33.24 -6.30
CA LEU A 230 7.88 -32.29 -5.89
C LEU A 230 7.71 -31.05 -6.75
N TRP A 231 6.94 -30.09 -6.23
CA TRP A 231 6.55 -28.91 -6.99
C TRP A 231 6.93 -27.66 -6.19
N MET A 232 7.98 -26.98 -6.65
CA MET A 232 8.42 -25.70 -6.08
C MET A 232 8.69 -25.81 -4.58
N GLY A 233 9.43 -26.85 -4.21
CA GLY A 233 9.79 -27.05 -2.82
C GLY A 233 8.67 -27.55 -1.93
N TYR A 234 7.65 -28.19 -2.50
CA TYR A 234 6.54 -28.73 -1.73
C TYR A 234 6.37 -30.21 -2.03
N GLU A 235 5.71 -30.90 -1.11
CA GLU A 235 5.26 -32.28 -1.30
C GLU A 235 3.74 -32.26 -1.34
N LEU A 236 3.17 -32.54 -2.50
CA LEU A 236 1.74 -32.39 -2.73
C LEU A 236 1.10 -33.77 -2.81
N HIS A 237 0.37 -34.14 -1.77
CA HIS A 237 -0.38 -35.37 -1.66
C HIS A 237 -1.84 -35.12 -1.98
N PRO A 238 -2.65 -36.18 -2.21
CA PRO A 238 -4.04 -35.94 -2.60
C PRO A 238 -4.86 -35.19 -1.58
N ASP A 239 -4.74 -35.53 -0.30
CA ASP A 239 -5.54 -34.91 0.74
C ASP A 239 -4.73 -33.98 1.65
N LYS A 240 -3.41 -33.98 1.55
CA LYS A 240 -2.58 -33.15 2.41
C LYS A 240 -1.43 -32.57 1.59
N TRP A 241 -0.81 -31.52 2.15
CA TRP A 241 0.35 -30.90 1.53
C TRP A 241 1.37 -30.58 2.62
N THR A 242 2.65 -30.61 2.25
CA THR A 242 3.72 -30.27 3.16
C THR A 242 4.91 -29.79 2.34
N VAL A 243 5.99 -29.45 3.04
CA VAL A 243 7.21 -28.99 2.41
C VAL A 243 8.21 -30.13 2.39
N GLN A 244 9.02 -30.17 1.33
CA GLN A 244 10.09 -31.15 1.16
C GLN A 244 10.98 -31.18 2.39
N PRO A 245 11.66 -32.31 2.67
CA PRO A 245 12.44 -32.42 3.91
C PRO A 245 13.45 -31.30 4.11
N ILE A 246 13.25 -30.51 5.15
CA ILE A 246 14.14 -29.41 5.50
C ILE A 246 14.60 -29.64 6.93
N VAL A 247 15.88 -29.97 7.10
CA VAL A 247 16.47 -30.24 8.41
C VAL A 247 17.71 -29.35 8.56
N LEU A 248 17.88 -28.80 9.77
CA LEU A 248 19.00 -27.89 10.00
C LEU A 248 20.21 -28.67 10.49
N PRO A 249 21.41 -28.33 10.02
CA PRO A 249 22.61 -29.06 10.41
C PRO A 249 23.01 -28.78 11.86
N GLU A 250 23.83 -29.67 12.40
CA GLU A 250 24.40 -29.53 13.74
C GLU A 250 25.85 -29.10 13.57
N LYS A 251 26.12 -27.82 13.77
CA LYS A 251 27.45 -27.25 13.59
C LYS A 251 27.88 -26.50 14.84
N ASP A 252 29.16 -26.10 14.85
CA ASP A 252 29.72 -25.32 15.94
C ASP A 252 30.42 -24.05 15.49
N SER A 253 30.59 -23.84 14.19
CA SER A 253 31.23 -22.64 13.64
C SER A 253 30.42 -22.19 12.43
N TRP A 254 29.46 -21.29 12.68
CA TRP A 254 28.56 -20.80 11.64
C TRP A 254 29.12 -19.51 11.04
N THR A 255 29.14 -19.44 9.72
CA THR A 255 29.64 -18.28 8.98
C THR A 255 28.46 -17.55 8.34
N VAL A 256 28.73 -16.81 7.26
CA VAL A 256 27.68 -16.03 6.60
C VAL A 256 26.92 -16.83 5.55
N ASN A 257 27.54 -17.88 4.99
CA ASN A 257 26.78 -18.76 4.10
C ASN A 257 25.69 -19.51 4.87
N ASP A 258 25.95 -19.81 6.14
CA ASP A 258 24.93 -20.39 7.01
C ASP A 258 23.96 -19.34 7.54
N ILE A 259 24.18 -18.07 7.24
CA ILE A 259 23.27 -17.02 7.68
C ILE A 259 21.99 -17.02 6.86
N GLN A 260 22.13 -17.06 5.52
CA GLN A 260 20.97 -17.22 4.66
C GLN A 260 20.47 -18.66 4.61
N LYS A 261 21.15 -19.58 5.30
CA LYS A 261 20.71 -20.97 5.34
C LYS A 261 19.63 -21.18 6.39
N LEU A 262 19.91 -20.78 7.64
CA LEU A 262 18.93 -20.97 8.72
C LEU A 262 17.71 -20.08 8.51
N VAL A 263 17.93 -18.80 8.20
CA VAL A 263 16.82 -17.90 7.95
C VAL A 263 16.00 -18.36 6.74
N GLY A 264 16.69 -18.82 5.70
CA GLY A 264 15.99 -19.28 4.51
C GLY A 264 15.17 -20.52 4.77
N LYS A 265 15.67 -21.45 5.59
CA LYS A 265 14.94 -22.67 5.88
C LYS A 265 13.84 -22.45 6.90
N LEU A 266 14.11 -21.68 7.94
CA LEU A 266 13.09 -21.45 8.98
C LEU A 266 11.93 -20.62 8.45
N ASN A 267 12.21 -19.62 7.61
CA ASN A 267 11.14 -18.82 7.03
C ASN A 267 10.33 -19.64 6.04
N TRP A 268 10.99 -20.49 5.25
CA TRP A 268 10.27 -21.36 4.32
C TRP A 268 9.51 -22.46 5.04
N ALA A 269 9.86 -22.73 6.30
CA ALA A 269 9.15 -23.73 7.10
C ALA A 269 8.10 -23.13 8.01
N SER A 270 8.12 -21.81 8.23
CA SER A 270 7.12 -21.17 9.06
C SER A 270 5.73 -21.24 8.44
N GLN A 271 5.63 -21.55 7.15
CA GLN A 271 4.34 -21.61 6.48
C GLN A 271 3.55 -22.86 6.82
N ILE A 272 4.16 -23.84 7.50
CA ILE A 272 3.44 -25.05 7.86
C ILE A 272 3.84 -25.51 9.26
N TYR A 273 5.05 -25.15 9.69
CA TYR A 273 5.50 -25.48 11.04
C TYR A 273 5.15 -24.33 11.98
N PRO A 274 4.29 -24.54 12.97
CA PRO A 274 3.89 -23.44 13.85
C PRO A 274 4.91 -23.17 14.95
N GLY A 275 4.92 -21.92 15.40
CA GLY A 275 5.79 -21.53 16.49
C GLY A 275 7.25 -21.36 16.13
N ILE A 276 7.55 -21.04 14.87
CA ILE A 276 8.93 -20.93 14.42
C ILE A 276 9.42 -19.51 14.68
N LYS A 277 10.60 -19.41 15.28
CA LYS A 277 11.27 -18.14 15.53
C LYS A 277 12.56 -18.08 14.75
N VAL A 278 13.03 -16.86 14.48
CA VAL A 278 14.25 -16.66 13.70
C VAL A 278 14.84 -15.29 14.03
N ARG A 279 14.19 -14.55 14.94
CA ARG A 279 14.64 -13.20 15.24
C ARG A 279 15.98 -13.21 15.97
N GLN A 280 16.15 -14.08 16.96
CA GLN A 280 17.43 -14.18 17.65
C GLN A 280 18.54 -14.63 16.71
N LEU A 281 18.21 -15.41 15.68
CA LEU A 281 19.20 -15.79 14.69
C LEU A 281 19.41 -14.70 13.66
N SER A 282 18.42 -13.83 13.45
CA SER A 282 18.51 -12.75 12.48
C SER A 282 19.11 -11.47 13.05
N LYS A 283 19.21 -11.36 14.38
CA LYS A 283 19.84 -10.17 14.96
C LYS A 283 21.34 -10.13 14.71
N LEU A 284 21.94 -11.26 14.33
CA LEU A 284 23.35 -11.31 13.95
C LEU A 284 23.56 -10.92 12.49
N LEU A 285 22.55 -10.31 11.85
CA LEU A 285 22.59 -9.96 10.44
C LEU A 285 22.56 -8.44 10.24
N ARG A 286 23.12 -7.70 11.18
CA ARG A 286 23.00 -6.25 11.16
C ARG A 286 23.92 -5.62 10.11
N GLY A 287 25.21 -5.93 10.17
CA GLY A 287 26.16 -5.28 9.28
C GLY A 287 27.22 -6.18 8.67
N THR A 288 26.93 -7.48 8.55
CA THR A 288 27.83 -8.42 7.92
C THR A 288 27.58 -8.42 6.42
N LYS A 289 28.60 -8.07 5.64
CA LYS A 289 28.49 -7.98 4.19
C LYS A 289 29.20 -9.10 3.45
N ALA A 290 30.40 -9.48 3.88
CA ALA A 290 31.12 -10.56 3.23
C ALA A 290 30.49 -11.91 3.59
N LEU A 291 30.96 -12.96 2.92
CA LEU A 291 30.39 -14.30 3.05
C LEU A 291 31.42 -15.29 3.58
N THR A 292 32.29 -14.83 4.50
CA THR A 292 33.34 -15.70 5.04
C THR A 292 33.56 -15.57 6.53
N GLU A 293 33.20 -14.46 7.17
CA GLU A 293 33.50 -14.27 8.58
C GLU A 293 32.58 -15.14 9.45
N VAL A 294 33.08 -15.48 10.63
CA VAL A 294 32.36 -16.31 11.59
C VAL A 294 31.78 -15.42 12.68
N ILE A 295 30.61 -15.79 13.18
CA ILE A 295 29.91 -15.05 14.23
C ILE A 295 29.66 -16.01 15.38
N PRO A 296 30.06 -15.67 16.61
CA PRO A 296 29.77 -16.56 17.75
C PRO A 296 28.28 -16.56 18.07
N LEU A 297 27.77 -17.73 18.42
CA LEU A 297 26.35 -17.88 18.73
C LEU A 297 26.07 -17.47 20.17
N THR A 298 25.08 -16.61 20.34
CA THR A 298 24.60 -16.27 21.67
C THR A 298 23.62 -17.34 22.16
N GLU A 299 23.60 -17.55 23.48
CA GLU A 299 22.71 -18.55 24.04
C GLU A 299 21.25 -18.21 23.85
N GLU A 300 20.93 -16.93 23.62
CA GLU A 300 19.57 -16.58 23.23
C GLU A 300 19.24 -17.08 21.83
N ALA A 301 20.23 -17.09 20.95
CA ALA A 301 20.02 -17.65 19.61
C ALA A 301 20.12 -19.17 19.60
N GLU A 302 20.94 -19.74 20.48
CA GLU A 302 21.02 -21.20 20.58
C GLU A 302 19.75 -21.77 21.18
N LEU A 303 19.20 -21.12 22.21
CA LEU A 303 17.93 -21.55 22.77
C LEU A 303 16.80 -21.43 21.76
N GLU A 304 16.83 -20.37 20.95
CA GLU A 304 15.83 -20.22 19.89
C GLU A 304 16.02 -21.28 18.81
N LEU A 305 17.28 -21.59 18.47
CA LEU A 305 17.56 -22.65 17.51
C LEU A 305 17.07 -24.00 18.03
N ALA A 306 17.29 -24.27 19.32
CA ALA A 306 16.86 -25.53 19.89
C ALA A 306 15.34 -25.63 19.99
N GLU A 307 14.65 -24.50 20.16
CA GLU A 307 13.20 -24.52 20.21
C GLU A 307 12.60 -24.90 18.86
N ASN A 308 13.22 -24.46 17.77
CA ASN A 308 12.72 -24.80 16.44
C ASN A 308 13.09 -26.23 16.04
N ARG A 309 14.20 -26.75 16.57
CA ARG A 309 14.58 -28.13 16.28
C ARG A 309 13.52 -29.10 16.80
N GLU A 310 12.98 -28.83 17.99
CA GLU A 310 11.94 -29.69 18.55
C GLU A 310 10.67 -29.63 17.71
N ILE A 311 10.42 -28.52 17.02
CA ILE A 311 9.26 -28.44 16.14
C ILE A 311 9.52 -29.15 14.82
N LEU A 312 10.77 -29.19 14.37
CA LEU A 312 11.13 -29.83 13.10
C LEU A 312 11.43 -31.32 13.26
N LYS A 313 11.13 -31.91 14.41
CA LYS A 313 11.34 -33.34 14.60
C LYS A 313 10.34 -34.13 13.77
N GLU A 314 9.05 -34.01 14.09
CA GLU A 314 8.01 -34.68 13.33
C GLU A 314 7.46 -33.75 12.26
N PRO A 315 7.29 -34.22 11.03
CA PRO A 315 6.78 -33.34 9.97
C PRO A 315 5.31 -32.99 10.19
N VAL A 316 4.97 -31.74 9.90
CA VAL A 316 3.60 -31.25 10.01
C VAL A 316 3.04 -31.07 8.61
N HIS A 317 1.80 -31.51 8.42
CA HIS A 317 1.12 -31.43 7.14
C HIS A 317 -0.04 -30.45 7.18
N GLY A 318 -0.36 -29.89 6.03
CA GLY A 318 -1.48 -28.97 5.92
C GLY A 318 -2.56 -29.50 5.00
N VAL A 319 -3.80 -29.03 5.19
CA VAL A 319 -4.93 -29.47 4.41
C VAL A 319 -5.16 -28.51 3.26
N TYR A 320 -5.98 -28.91 2.30
CA TYR A 320 -6.31 -28.08 1.16
C TYR A 320 -7.57 -27.24 1.46
N TYR A 321 -7.83 -26.27 0.59
CA TYR A 321 -8.87 -25.29 0.85
C TYR A 321 -10.25 -25.84 0.49
N ASP A 322 -11.24 -25.47 1.30
CA ASP A 322 -12.63 -25.82 1.07
C ASP A 322 -13.46 -24.54 1.09
N PRO A 323 -13.97 -24.08 -0.06
CA PRO A 323 -14.70 -22.80 -0.07
C PRO A 323 -16.02 -22.84 0.71
N SER A 324 -16.55 -24.02 1.01
CA SER A 324 -17.81 -24.12 1.72
C SER A 324 -17.70 -23.83 3.20
N LYS A 325 -16.49 -23.84 3.75
CA LYS A 325 -16.26 -23.59 5.17
C LYS A 325 -15.65 -22.21 5.37
N ASP A 326 -15.78 -21.70 6.59
CA ASP A 326 -15.26 -20.39 6.91
C ASP A 326 -13.74 -20.40 6.96
N LEU A 327 -13.16 -19.21 6.93
CA LEU A 327 -11.72 -19.00 6.98
C LEU A 327 -11.38 -18.35 8.32
N ILE A 328 -10.60 -19.05 9.14
CA ILE A 328 -10.29 -18.62 10.51
C ILE A 328 -8.78 -18.54 10.66
N ALA A 329 -8.31 -17.47 11.32
CA ALA A 329 -6.90 -17.29 11.61
C ALA A 329 -6.74 -16.88 13.07
N GLU A 330 -5.91 -17.62 13.80
CA GLU A 330 -5.64 -17.37 15.20
C GLU A 330 -4.19 -16.94 15.38
N ILE A 331 -3.96 -15.95 16.24
CA ILE A 331 -2.63 -15.39 16.46
C ILE A 331 -2.23 -15.63 17.91
N GLN A 332 -0.94 -15.91 18.12
CA GLN A 332 -0.37 -16.06 19.46
C GLN A 332 0.87 -15.20 19.57
N LYS A 333 1.06 -14.61 20.76
CA LYS A 333 2.26 -13.84 21.05
C LYS A 333 3.34 -14.77 21.59
N GLN A 334 4.57 -14.61 21.08
CA GLN A 334 5.67 -15.46 21.48
C GLN A 334 6.72 -14.74 22.33
N GLY A 335 6.78 -13.41 22.27
CA GLY A 335 7.70 -12.67 23.11
C GLY A 335 8.73 -11.87 22.34
N GLN A 336 8.95 -10.62 22.77
CA GLN A 336 9.95 -9.74 22.17
C GLN A 336 9.68 -9.53 20.67
N GLY A 337 8.46 -9.09 20.38
CA GLY A 337 8.08 -8.81 19.01
C GLY A 337 7.83 -10.00 18.13
N GLN A 338 7.83 -11.21 18.70
CA GLN A 338 7.60 -12.42 17.94
C GLN A 338 6.11 -12.76 17.94
N TRP A 339 5.57 -13.06 16.76
CA TRP A 339 4.16 -13.42 16.62
C TRP A 339 4.05 -14.59 15.65
N THR A 340 3.12 -15.49 15.94
N THR A 340 3.08 -15.46 15.90
CA THR A 340 2.85 -16.63 15.10
CA THR A 340 2.87 -16.65 15.10
C THR A 340 1.34 -16.78 14.92
C THR A 340 1.37 -16.91 14.97
N TYR A 341 0.94 -17.29 13.77
CA TYR A 341 -0.47 -17.47 13.47
C TYR A 341 -0.71 -18.78 12.74
N GLN A 342 -1.95 -19.28 12.86
CA GLN A 342 -2.40 -20.47 12.18
C GLN A 342 -3.68 -20.15 11.42
N ILE A 343 -3.76 -20.62 10.18
CA ILE A 343 -4.93 -20.41 9.32
C ILE A 343 -5.58 -21.76 9.06
N TYR A 344 -6.87 -21.86 9.37
CA TYR A 344 -7.57 -23.12 9.29
C TYR A 344 -9.06 -22.87 9.06
N GLN A 345 -9.77 -23.93 8.67
CA GLN A 345 -11.21 -23.92 8.53
C GLN A 345 -11.91 -24.82 9.54
N GLU A 346 -11.36 -26.01 9.79
CA GLU A 346 -11.81 -26.94 10.81
C GLU A 346 -10.69 -27.15 11.83
N PRO A 347 -11.00 -27.14 13.12
CA PRO A 347 -9.93 -27.15 14.13
C PRO A 347 -9.02 -28.37 14.01
N PHE A 348 -7.78 -28.20 14.49
CA PHE A 348 -6.72 -29.20 14.54
C PHE A 348 -6.18 -29.57 13.17
N LYS A 349 -6.57 -28.85 12.11
CA LYS A 349 -6.02 -29.06 10.78
C LYS A 349 -5.83 -27.69 10.14
N ASN A 350 -4.59 -27.24 10.04
CA ASN A 350 -4.28 -25.92 9.53
C ASN A 350 -4.07 -25.95 8.01
N LEU A 351 -4.57 -24.92 7.34
CA LEU A 351 -4.25 -24.73 5.93
C LEU A 351 -2.78 -24.30 5.77
N LYS A 352 -2.34 -23.36 6.59
CA LYS A 352 -0.97 -22.88 6.59
C LYS A 352 -0.72 -22.14 7.89
N THR A 353 0.56 -21.90 8.18
CA THR A 353 0.97 -21.12 9.34
C THR A 353 1.84 -19.95 8.87
N GLY A 354 2.44 -19.25 9.82
CA GLY A 354 3.30 -18.14 9.49
C GLY A 354 3.73 -17.41 10.73
N LYS A 355 4.52 -16.36 10.50
CA LYS A 355 5.04 -15.53 11.59
C LYS A 355 5.16 -14.09 11.12
N TYR A 356 5.12 -13.18 12.09
CA TYR A 356 5.28 -11.75 11.82
C TYR A 356 6.38 -11.20 12.70
N ALA A 357 7.27 -10.40 12.12
CA ALA A 357 8.36 -9.77 12.84
C ALA A 357 8.00 -8.32 13.15
N ARG A 358 8.36 -7.87 14.35
CA ARG A 358 8.08 -6.51 14.78
C ARG A 358 8.86 -5.52 13.91
N MET A 359 8.16 -4.52 13.40
CA MET A 359 8.82 -3.44 12.67
C MET A 359 9.72 -2.67 13.64
N ARG A 360 11.01 -2.63 13.35
CA ARG A 360 11.98 -2.06 14.28
C ARG A 360 11.77 -0.56 14.43
N GLY A 361 11.75 -0.11 15.68
CA GLY A 361 11.61 1.30 15.99
C GLY A 361 12.12 1.56 17.40
N ALA A 362 12.00 2.81 17.82
CA ALA A 362 12.46 3.18 19.16
C ALA A 362 11.48 2.72 20.24
N HIS A 363 10.19 2.90 20.00
CA HIS A 363 9.16 2.56 20.98
C HIS A 363 8.03 1.82 20.29
N THR A 364 7.38 0.91 21.02
CA THR A 364 6.31 0.10 20.47
C THR A 364 5.48 -0.47 21.60
N ASN A 365 4.36 -1.09 21.23
CA ASN A 365 3.51 -1.80 22.18
C ASN A 365 2.91 -3.01 21.49
N ASP A 366 2.32 -3.90 22.31
CA ASP A 366 1.80 -5.16 21.78
C ASP A 366 0.56 -4.95 20.92
N VAL A 367 -0.20 -3.88 21.16
CA VAL A 367 -1.41 -3.66 20.39
C VAL A 367 -1.06 -3.24 18.96
N LYS A 368 -0.01 -2.42 18.80
CA LYS A 368 0.43 -2.05 17.46
C LYS A 368 0.90 -3.27 16.69
N GLN A 369 1.71 -4.13 17.32
CA GLN A 369 2.24 -5.30 16.64
C GLN A 369 1.14 -6.27 16.25
N LEU A 370 0.19 -6.51 17.16
CA LEU A 370 -0.94 -7.38 16.84
C LEU A 370 -1.77 -6.78 15.70
N THR A 371 -1.97 -5.47 15.71
CA THR A 371 -2.68 -4.81 14.62
C THR A 371 -1.94 -4.97 13.30
N GLU A 372 -0.62 -4.76 13.32
CA GLU A 372 0.18 -4.94 12.12
C GLU A 372 0.17 -6.39 11.65
N ALA A 373 0.15 -7.34 12.59
CA ALA A 373 0.08 -8.75 12.22
C ALA A 373 -1.25 -9.08 11.54
N VAL A 374 -2.33 -8.45 11.99
CA VAL A 374 -3.64 -8.70 11.39
C VAL A 374 -3.66 -8.20 9.94
N GLN A 375 -3.10 -7.02 9.69
CA GLN A 375 -3.07 -6.49 8.33
C GLN A 375 -2.19 -7.35 7.42
N LYS A 376 -1.10 -7.90 7.96
CA LYS A 376 -0.24 -8.78 7.17
C LYS A 376 -0.98 -10.06 6.80
N ILE A 377 -1.66 -10.68 7.76
CA ILE A 377 -2.41 -11.90 7.48
C ILE A 377 -3.57 -11.60 6.55
N THR A 378 -4.19 -10.43 6.70
CA THR A 378 -5.31 -10.05 5.83
C THR A 378 -4.87 -9.99 4.37
N THR A 379 -3.77 -9.28 4.10
CA THR A 379 -3.28 -9.17 2.73
C THR A 379 -2.85 -10.53 2.18
N GLU A 380 -2.21 -11.36 3.01
CA GLU A 380 -1.82 -12.68 2.56
C GLU A 380 -3.03 -13.55 2.25
N SER A 381 -4.10 -13.41 3.04
CA SER A 381 -5.30 -14.20 2.80
C SER A 381 -6.02 -13.78 1.51
N ILE A 382 -5.96 -12.50 1.18
N ILE A 382 -5.96 -12.50 1.18
CA ILE A 382 -6.57 -12.04 -0.07
CA ILE A 382 -6.56 -12.03 -0.07
C ILE A 382 -5.81 -12.59 -1.28
C ILE A 382 -5.81 -12.61 -1.27
N VAL A 383 -4.50 -12.76 -1.15
CA VAL A 383 -3.70 -13.34 -2.23
C VAL A 383 -4.08 -14.81 -2.43
N ILE A 384 -4.08 -15.59 -1.35
CA ILE A 384 -4.19 -17.04 -1.48
C ILE A 384 -5.63 -17.48 -1.63
N TRP A 385 -6.56 -16.84 -0.91
CA TRP A 385 -7.95 -17.27 -0.92
C TRP A 385 -8.93 -16.23 -1.44
N GLY A 386 -8.52 -14.97 -1.57
CA GLY A 386 -9.43 -13.95 -2.08
C GLY A 386 -10.49 -13.50 -1.10
N LYS A 387 -10.25 -13.65 0.19
CA LYS A 387 -11.22 -13.22 1.19
C LYS A 387 -10.50 -12.98 2.51
N THR A 388 -11.06 -12.07 3.30
CA THR A 388 -10.54 -11.81 4.63
C THR A 388 -11.06 -12.85 5.61
N PRO A 389 -10.18 -13.45 6.43
CA PRO A 389 -10.63 -14.49 7.36
C PRO A 389 -11.04 -13.90 8.72
N LYS A 390 -11.86 -14.68 9.42
CA LYS A 390 -12.25 -14.31 10.78
C LYS A 390 -11.08 -14.56 11.73
N PHE A 391 -10.78 -13.58 12.57
CA PHE A 391 -9.61 -13.63 13.43
C PHE A 391 -9.97 -14.12 14.83
N LYS A 392 -9.02 -14.83 15.44
CA LYS A 392 -9.08 -15.22 16.84
C LYS A 392 -7.89 -14.59 17.54
N LEU A 393 -8.15 -13.55 18.34
CA LEU A 393 -7.06 -12.75 18.88
C LEU A 393 -6.98 -12.88 20.41
N PRO A 394 -5.77 -12.94 20.96
CA PRO A 394 -5.60 -13.02 22.43
C PRO A 394 -5.68 -11.65 23.10
N ILE A 395 -6.79 -10.95 22.87
CA ILE A 395 -7.02 -9.63 23.44
C ILE A 395 -8.50 -9.49 23.75
N GLN A 396 -8.81 -8.92 24.92
CA GLN A 396 -10.19 -8.75 25.33
C GLN A 396 -10.89 -7.73 24.45
N LYS A 397 -12.21 -7.90 24.31
CA LYS A 397 -13.00 -6.91 23.57
C LYS A 397 -12.99 -5.56 24.27
N GLU A 398 -12.98 -5.56 25.61
CA GLU A 398 -12.90 -4.31 26.36
C GLU A 398 -11.54 -3.65 26.18
N THR A 399 -10.47 -4.47 26.10
CA THR A 399 -9.13 -3.91 25.92
C THR A 399 -9.01 -3.23 24.56
N TRP A 400 -9.51 -3.87 23.51
CA TRP A 400 -9.46 -3.24 22.18
C TRP A 400 -10.36 -2.02 22.12
N GLU A 401 -11.54 -2.10 22.73
CA GLU A 401 -12.47 -0.97 22.73
C GLU A 401 -11.84 0.26 23.38
N THR A 402 -11.17 0.08 24.52
CA THR A 402 -10.50 1.19 25.18
C THR A 402 -9.33 1.70 24.36
N TRP A 403 -8.66 0.81 23.62
CA TRP A 403 -7.48 1.20 22.85
C TRP A 403 -7.84 2.12 21.69
N TRP A 404 -8.72 1.65 20.79
CA TRP A 404 -8.95 2.40 19.56
C TRP A 404 -9.75 3.66 19.80
N THR A 405 -10.55 3.71 20.87
CA THR A 405 -11.32 4.92 21.16
C THR A 405 -10.44 6.03 21.70
N GLU A 406 -9.33 5.69 22.38
CA GLU A 406 -8.44 6.68 22.97
C GLU A 406 -7.16 6.88 22.18
N TYR A 407 -6.84 6.01 21.24
CA TYR A 407 -5.62 6.14 20.47
C TYR A 407 -5.72 7.35 19.54
N TRP A 408 -4.61 8.09 19.41
CA TRP A 408 -4.63 9.31 18.63
C TRP A 408 -4.75 9.04 17.14
N GLN A 409 -4.21 7.90 16.67
CA GLN A 409 -4.35 7.52 15.28
C GLN A 409 -5.67 6.79 15.06
N ALA A 410 -6.04 6.68 13.79
CA ALA A 410 -7.14 5.82 13.39
C ALA A 410 -6.64 4.39 13.24
N THR A 411 -7.41 3.43 13.76
CA THR A 411 -7.02 2.04 13.67
C THR A 411 -8.28 1.19 13.59
N TRP A 412 -8.14 0.03 12.93
CA TRP A 412 -9.28 -0.85 12.69
C TRP A 412 -8.77 -2.28 12.53
N ILE A 413 -9.53 -3.22 13.09
CA ILE A 413 -9.27 -4.65 12.92
C ILE A 413 -10.55 -5.29 12.41
N PRO A 414 -10.50 -6.14 11.37
CA PRO A 414 -11.72 -6.78 10.87
C PRO A 414 -12.34 -7.72 11.89
N GLU A 415 -13.43 -8.38 11.50
CA GLU A 415 -14.20 -9.23 12.40
C GLU A 415 -13.30 -10.22 13.13
N TRP A 416 -13.32 -10.16 14.46
CA TRP A 416 -12.45 -10.99 15.28
C TRP A 416 -13.18 -11.37 16.56
N GLU A 417 -12.65 -12.39 17.23
CA GLU A 417 -13.18 -12.85 18.50
C GLU A 417 -12.02 -13.13 19.45
N PHE A 418 -12.27 -12.92 20.75
CA PHE A 418 -11.25 -13.13 21.76
C PHE A 418 -11.07 -14.62 22.03
N VAL A 419 -9.82 -15.05 22.09
CA VAL A 419 -9.46 -16.43 22.44
C VAL A 419 -8.53 -16.38 23.64
N ASN A 420 -8.85 -17.18 24.68
CA ASN A 420 -8.10 -17.16 25.92
C ASN A 420 -6.87 -18.05 25.76
N THR A 421 -5.82 -17.46 25.20
CA THR A 421 -4.54 -18.14 25.01
C THR A 421 -3.43 -17.23 25.50
N PRO A 422 -2.94 -17.44 26.73
CA PRO A 422 -1.89 -16.58 27.26
C PRO A 422 -0.62 -16.74 26.47
N PRO A 423 0.23 -15.71 26.41
CA PRO A 423 0.04 -14.41 27.07
C PRO A 423 -0.92 -13.49 26.31
N LEU A 424 -1.75 -12.77 27.05
CA LEU A 424 -2.76 -11.90 26.47
C LEU A 424 -2.22 -10.49 26.29
N VAL A 425 -2.70 -9.82 25.23
CA VAL A 425 -2.36 -8.43 24.99
C VAL A 425 -3.24 -7.56 25.88
N LYS A 426 -2.61 -6.69 26.68
CA LYS A 426 -3.33 -5.88 27.64
C LYS A 426 -2.72 -4.48 27.68
N LEU A 427 -3.57 -3.50 28.00
CA LEU A 427 -3.10 -2.13 28.20
C LEU A 427 -2.45 -2.04 29.58
N TRP A 428 -1.14 -1.75 29.60
CA TRP A 428 -0.41 -1.74 30.86
C TRP A 428 -0.64 -0.45 31.65
N TYR A 429 -0.97 0.65 30.98
CA TYR A 429 -1.25 1.90 31.67
C TYR A 429 -2.14 2.76 30.78
N GLN A 430 -2.95 3.60 31.43
N GLN A 430 -2.96 3.59 31.42
CA GLN A 430 -3.83 4.52 30.71
CA GLN A 430 -3.85 4.51 30.74
C GLN A 430 -3.78 5.86 31.42
C GLN A 430 -3.76 5.86 31.42
N LEU A 431 -3.39 6.90 30.68
CA LEU A 431 -3.30 8.24 31.25
C LEU A 431 -4.69 8.82 31.47
N GLU A 432 -4.76 9.75 32.42
CA GLU A 432 -6.02 10.41 32.74
C GLU A 432 -6.33 11.50 31.74
N LYS A 433 -7.64 11.79 31.59
CA LYS A 433 -8.09 12.85 30.71
C LYS A 433 -8.09 14.21 31.39
N GLU A 434 -8.48 14.26 32.66
CA GLU A 434 -8.56 15.49 33.44
C GLU A 434 -7.61 15.43 34.62
N PRO A 435 -7.22 16.57 35.17
CA PRO A 435 -6.36 16.56 36.37
C PRO A 435 -7.04 15.86 37.54
N ILE A 436 -6.22 15.23 38.38
CA ILE A 436 -6.70 14.42 39.48
C ILE A 436 -6.85 15.31 40.72
N VAL A 437 -8.01 15.23 41.36
CA VAL A 437 -8.26 15.99 42.58
C VAL A 437 -7.67 15.26 43.76
N GLY A 438 -6.90 15.97 44.58
CA GLY A 438 -6.27 15.39 45.75
C GLY A 438 -4.91 14.78 45.51
N ALA A 439 -4.47 14.69 44.26
CA ALA A 439 -3.16 14.13 43.94
C ALA A 439 -2.10 15.23 43.91
N GLU A 440 -0.90 14.89 44.37
CA GLU A 440 0.19 15.85 44.40
C GLU A 440 0.61 16.21 42.98
N THR A 441 0.87 17.49 42.75
CA THR A 441 1.21 18.00 41.42
C THR A 441 2.71 18.22 41.34
N PHE A 442 3.37 17.52 40.42
CA PHE A 442 4.81 17.59 40.25
C PHE A 442 5.13 18.44 39.01
N TYR A 443 5.82 19.56 39.23
CA TYR A 443 6.31 20.40 38.15
C TYR A 443 7.75 19.99 37.86
N VAL A 444 7.98 19.38 36.69
CA VAL A 444 9.28 18.82 36.35
C VAL A 444 9.92 19.64 35.24
N ASP A 445 11.24 19.52 35.13
CA ASP A 445 12.01 20.15 34.08
C ASP A 445 13.40 19.54 34.07
N GLY A 446 14.10 19.72 32.95
CA GLY A 446 15.46 19.22 32.82
C GLY A 446 16.25 20.11 31.89
N ALA A 447 17.57 20.10 32.09
CA ALA A 447 18.47 20.90 31.26
C ALA A 447 19.85 20.26 31.29
N ALA A 448 20.62 20.53 30.24
CA ALA A 448 21.96 19.98 30.11
C ALA A 448 22.80 20.90 29.24
N ASN A 449 24.07 21.05 29.61
CA ASN A 449 24.99 21.84 28.81
C ASN A 449 25.44 21.05 27.59
N ARG A 450 25.33 21.68 26.41
CA ARG A 450 25.60 20.97 25.16
C ARG A 450 27.09 20.67 24.97
N GLU A 451 27.97 21.36 25.70
CA GLU A 451 29.41 21.16 25.51
C GLU A 451 29.95 20.09 26.45
N THR A 452 29.85 20.31 27.76
CA THR A 452 30.38 19.38 28.73
C THR A 452 29.44 18.21 29.04
N LYS A 453 28.23 18.22 28.48
CA LYS A 453 27.24 17.17 28.70
C LYS A 453 26.89 17.00 30.17
N LEU A 454 27.05 18.07 30.95
CA LEU A 454 26.62 18.09 32.34
C LEU A 454 25.19 18.60 32.40
N GLY A 455 24.32 17.87 33.11
CA GLY A 455 22.91 18.20 33.15
C GLY A 455 22.33 18.01 34.54
N LYS A 456 21.11 18.54 34.70
CA LYS A 456 20.35 18.41 35.93
C LYS A 456 18.91 18.06 35.58
N ALA A 457 18.23 17.43 36.54
CA ALA A 457 16.83 17.06 36.37
C ALA A 457 16.18 16.97 37.74
N GLY A 458 14.92 17.36 37.82
CA GLY A 458 14.22 17.31 39.08
C GLY A 458 12.80 17.82 38.97
N TYR A 459 12.22 18.14 40.13
CA TYR A 459 10.82 18.53 40.20
C TYR A 459 10.60 19.44 41.41
N VAL A 460 9.46 20.13 41.38
CA VAL A 460 8.94 20.87 42.53
C VAL A 460 7.45 20.59 42.62
N THR A 461 6.93 20.41 43.84
CA THR A 461 5.55 20.03 44.04
C THR A 461 4.81 21.09 44.86
N ASN A 462 3.48 21.01 44.83
CA ASN A 462 2.65 21.95 45.58
C ASN A 462 2.76 21.74 47.08
N LYS A 463 3.16 20.55 47.53
CA LYS A 463 3.32 20.26 48.95
C LYS A 463 4.71 20.63 49.46
N GLY A 464 5.53 21.27 48.65
CA GLY A 464 6.87 21.65 49.04
C GLY A 464 7.94 20.63 48.72
N ARG A 465 7.57 19.45 48.22
CA ARG A 465 8.55 18.43 47.88
C ARG A 465 9.38 18.88 46.69
N GLN A 466 10.70 18.73 46.80
CA GLN A 466 11.61 19.13 45.74
C GLN A 466 12.71 18.09 45.60
N LYS A 467 13.35 18.10 44.43
CA LYS A 467 14.53 17.28 44.16
C LYS A 467 15.21 17.79 42.91
N VAL A 468 16.54 17.85 42.94
CA VAL A 468 17.36 18.12 41.76
C VAL A 468 18.52 17.14 41.79
N VAL A 469 18.74 16.44 40.68
CA VAL A 469 19.78 15.41 40.58
C VAL A 469 20.78 15.83 39.52
N PRO A 470 22.07 15.94 39.85
CA PRO A 470 23.07 16.22 38.81
C PRO A 470 23.33 14.99 37.96
N LEU A 471 23.55 15.21 36.67
CA LEU A 471 23.71 14.14 35.70
C LEU A 471 24.98 14.34 34.90
N THR A 472 25.59 13.22 34.49
CA THR A 472 26.79 13.22 33.67
C THR A 472 26.52 12.48 32.37
N ASN A 473 27.09 12.99 31.27
CA ASN A 473 26.95 12.39 29.95
C ASN A 473 25.47 12.24 29.57
N THR A 474 24.80 13.38 29.48
CA THR A 474 23.37 13.42 29.19
C THR A 474 23.08 14.55 28.21
N THR A 475 21.86 14.58 27.72
CA THR A 475 21.39 15.60 26.79
C THR A 475 20.15 16.27 27.36
N ASN A 476 19.69 17.32 26.67
CA ASN A 476 18.50 18.03 27.11
C ASN A 476 17.27 17.11 27.08
N GLN A 477 17.12 16.35 25.99
CA GLN A 477 15.99 15.44 25.89
C GLN A 477 16.06 14.32 26.93
N LYS A 478 17.27 13.91 27.30
CA LYS A 478 17.41 12.85 28.28
C LYS A 478 17.13 13.33 29.70
N THR A 479 17.48 14.58 30.02
CA THR A 479 17.14 15.12 31.33
C THR A 479 15.65 15.37 31.47
N GLU A 480 14.96 15.65 30.37
CA GLU A 480 13.52 15.85 30.43
C GLU A 480 12.81 14.54 30.75
N LEU A 481 13.30 13.42 30.21
CA LEU A 481 12.74 12.12 30.57
C LEU A 481 13.16 11.69 31.97
N GLN A 482 14.37 12.06 32.40
CA GLN A 482 14.83 11.71 33.73
C GLN A 482 13.98 12.38 34.80
N ALA A 483 13.59 13.64 34.56
CA ALA A 483 12.75 14.34 35.52
C ALA A 483 11.38 13.70 35.63
N ILE A 484 10.85 13.17 34.54
CA ILE A 484 9.58 12.45 34.59
C ILE A 484 9.70 11.21 35.45
N TYR A 485 10.79 10.45 35.28
CA TYR A 485 11.00 9.25 36.07
C TYR A 485 11.14 9.57 37.54
N LEU A 486 11.82 10.67 37.88
CA LEU A 486 11.98 11.06 39.27
C LEU A 486 10.64 11.42 39.90
N ALA A 487 9.78 12.10 39.16
CA ALA A 487 8.46 12.46 39.68
C ALA A 487 7.62 11.22 39.94
N LEU A 488 7.66 10.25 39.03
CA LEU A 488 6.92 9.00 39.22
C LEU A 488 7.51 8.18 40.36
N GLN A 489 8.82 8.26 40.56
CA GLN A 489 9.48 7.45 41.58
C GLN A 489 9.14 7.93 42.99
N ASP A 490 9.01 9.25 43.17
CA ASP A 490 8.84 9.84 44.49
C ASP A 490 7.41 10.26 44.78
N SER A 491 6.45 9.82 43.98
CA SER A 491 5.05 10.19 44.17
C SER A 491 4.23 8.99 44.60
N GLY A 492 3.03 9.27 45.10
CA GLY A 492 2.11 8.25 45.50
C GLY A 492 1.44 7.58 44.31
N LEU A 493 0.37 6.84 44.62
CA LEU A 493 -0.33 6.08 43.58
C LEU A 493 -1.01 6.99 42.57
N GLU A 494 -1.41 8.19 42.98
CA GLU A 494 -2.02 9.18 42.10
C GLU A 494 -1.12 10.40 42.05
N VAL A 495 -0.89 10.93 40.85
CA VAL A 495 0.05 12.02 40.67
C VAL A 495 -0.32 12.81 39.43
N ASN A 496 -0.18 14.12 39.52
CA ASN A 496 -0.26 15.02 38.36
C ASN A 496 1.13 15.53 38.04
N ILE A 497 1.52 15.43 36.78
CA ILE A 497 2.86 15.82 36.35
C ILE A 497 2.74 16.93 35.32
N VAL A 498 3.49 18.01 35.54
CA VAL A 498 3.50 19.16 34.65
C VAL A 498 4.90 19.24 34.03
N THR A 499 4.96 19.16 32.70
CA THR A 499 6.21 19.23 31.97
C THR A 499 6.08 20.19 30.80
N ASP A 500 7.23 20.64 30.29
CA ASP A 500 7.28 21.48 29.11
C ASP A 500 7.98 20.78 27.94
N SER A 501 8.23 19.48 28.06
CA SER A 501 8.99 18.73 27.07
C SER A 501 8.02 18.18 26.02
N GLN A 502 8.05 18.77 24.82
CA GLN A 502 7.27 18.21 23.72
C GLN A 502 7.83 16.87 23.27
N TYR A 503 9.13 16.66 23.43
CA TYR A 503 9.74 15.37 23.08
C TYR A 503 9.25 14.26 24.00
N ALA A 504 9.17 14.54 25.30
CA ALA A 504 8.68 13.54 26.24
C ALA A 504 7.21 13.24 26.04
N LEU A 505 6.42 14.25 25.64
CA LEU A 505 5.00 14.02 25.39
C LEU A 505 4.79 13.11 24.19
N GLY A 506 5.55 13.32 23.11
CA GLY A 506 5.38 12.51 21.92
C GLY A 506 5.68 11.04 22.15
N ILE A 507 6.59 10.74 23.07
CA ILE A 507 6.88 9.35 23.39
C ILE A 507 5.77 8.74 24.23
N ILE A 508 5.33 9.45 25.26
CA ILE A 508 4.31 8.90 26.16
C ILE A 508 2.95 8.84 25.48
N GLN A 509 2.64 9.85 24.65
CA GLN A 509 1.37 9.81 23.92
C GLN A 509 1.32 8.71 22.88
N ALA A 510 2.47 8.18 22.48
CA ALA A 510 2.50 7.01 21.61
C ALA A 510 2.13 5.72 22.34
N GLN A 511 2.01 5.77 23.66
CA GLN A 511 1.62 4.63 24.48
C GLN A 511 2.49 3.39 24.24
N PRO A 512 3.80 3.46 24.50
CA PRO A 512 4.62 2.26 24.41
C PRO A 512 4.69 1.50 25.73
N ASP A 513 4.86 0.19 25.61
CA ASP A 513 5.08 -0.68 26.76
C ASP A 513 6.49 -1.23 26.82
N LYS A 514 7.31 -0.95 25.80
CA LYS A 514 8.67 -1.46 25.72
C LYS A 514 9.44 -0.59 24.73
N SER A 515 10.70 -0.31 25.06
CA SER A 515 11.52 0.54 24.21
C SER A 515 12.97 0.11 24.32
N GLU A 516 13.75 0.47 23.29
CA GLU A 516 15.19 0.21 23.31
C GLU A 516 15.95 1.14 24.23
N SER A 517 15.33 2.22 24.68
CA SER A 517 15.93 3.14 25.63
C SER A 517 15.62 2.65 27.04
N GLU A 518 16.66 2.44 27.85
CA GLU A 518 16.46 1.96 29.21
C GLU A 518 15.72 2.97 30.07
N LEU A 519 15.93 4.26 29.82
CA LEU A 519 15.27 5.29 30.62
C LEU A 519 13.76 5.29 30.38
N VAL A 520 13.34 5.16 29.12
CA VAL A 520 11.92 5.13 28.82
C VAL A 520 11.27 3.87 29.38
N ASN A 521 12.00 2.75 29.35
CA ASN A 521 11.48 1.52 29.94
C ASN A 521 11.29 1.67 31.44
N GLN A 522 12.18 2.40 32.11
CA GLN A 522 12.01 2.65 33.54
C GLN A 522 10.78 3.51 33.81
N ILE A 523 10.50 4.47 32.91
CA ILE A 523 9.29 5.27 33.05
C ILE A 523 8.05 4.40 32.88
N ILE A 524 8.08 3.49 31.90
CA ILE A 524 6.94 2.61 31.67
C ILE A 524 6.70 1.73 32.89
N GLU A 525 7.77 1.16 33.44
CA GLU A 525 7.63 0.35 34.66
C GLU A 525 7.08 1.17 35.81
N GLN A 526 7.39 2.46 35.86
CA GLN A 526 6.83 3.32 36.90
C GLN A 526 5.35 3.59 36.65
N LEU A 527 4.96 3.72 35.38
CA LEU A 527 3.56 4.01 35.06
C LEU A 527 2.65 2.82 35.40
N ILE A 528 3.16 1.60 35.28
CA ILE A 528 2.34 0.42 35.56
C ILE A 528 2.01 0.34 37.04
N LYS A 529 2.94 0.74 37.90
CA LYS A 529 2.71 0.67 39.34
C LYS A 529 1.68 1.69 39.82
N LYS A 530 1.39 2.71 39.02
CA LYS A 530 0.51 3.78 39.46
C LYS A 530 -0.95 3.40 39.28
N GLU A 531 -1.82 4.12 39.98
CA GLU A 531 -3.26 3.99 39.84
C GLU A 531 -3.85 5.03 38.89
N LYS A 532 -3.43 6.29 39.03
CA LYS A 532 -3.88 7.36 38.15
C LYS A 532 -2.70 8.28 37.87
N VAL A 533 -2.51 8.62 36.60
CA VAL A 533 -1.44 9.52 36.18
C VAL A 533 -2.01 10.50 35.17
N TYR A 534 -1.91 11.79 35.45
CA TYR A 534 -2.29 12.84 34.53
C TYR A 534 -1.04 13.61 34.13
N LEU A 535 -0.76 13.63 32.82
CA LEU A 535 0.41 14.31 32.27
C LEU A 535 -0.07 15.54 31.51
N ALA A 536 0.37 16.71 31.94
CA ALA A 536 -0.03 17.98 31.34
C ALA A 536 1.18 18.72 30.81
N TRP A 537 0.98 19.44 29.71
CA TRP A 537 2.06 20.14 29.02
C TRP A 537 1.85 21.65 29.13
N VAL A 538 2.97 22.37 29.26
CA VAL A 538 2.94 23.83 29.29
C VAL A 538 4.08 24.36 28.44
N PRO A 539 3.89 25.55 27.84
CA PRO A 539 4.99 26.17 27.10
C PRO A 539 6.08 26.65 28.04
N ALA A 540 7.32 26.42 27.64
CA ALA A 540 8.46 26.78 28.48
C ALA A 540 8.82 28.26 28.30
N HIS A 541 9.49 28.80 29.32
CA HIS A 541 9.98 30.18 29.30
C HIS A 541 8.86 31.18 29.07
N LYS A 542 7.72 30.97 29.74
CA LYS A 542 6.57 31.86 29.63
C LYS A 542 6.07 32.29 30.99
N GLY A 543 6.96 32.35 31.99
CA GLY A 543 6.58 32.84 33.31
C GLY A 543 5.56 32.00 34.03
N ILE A 544 5.45 30.72 33.70
CA ILE A 544 4.51 29.83 34.36
C ILE A 544 5.08 29.41 35.71
N GLY A 545 4.35 29.73 36.78
CA GLY A 545 4.81 29.37 38.11
C GLY A 545 4.89 27.88 38.30
N GLY A 546 5.90 27.45 39.07
CA GLY A 546 6.22 26.05 39.24
C GLY A 546 7.07 25.51 38.11
N ASN A 547 6.80 25.95 36.88
CA ASN A 547 7.58 25.54 35.73
C ASN A 547 8.87 26.34 35.62
N GLU A 548 8.83 27.63 35.94
CA GLU A 548 10.03 28.45 35.86
C GLU A 548 10.88 28.33 37.12
N GLN A 549 10.27 27.98 38.26
CA GLN A 549 11.06 27.71 39.46
C GLN A 549 11.92 26.47 39.28
N VAL A 550 11.32 25.39 38.75
CA VAL A 550 12.07 24.17 38.49
C VAL A 550 13.00 24.34 37.29
N ASP A 551 12.72 25.33 36.42
CA ASP A 551 13.58 25.55 35.26
C ASP A 551 14.92 26.15 35.66
N LYS A 552 14.90 27.11 36.59
CA LYS A 552 16.15 27.74 37.01
C LYS A 552 17.00 26.84 37.89
N LEU A 553 16.39 25.84 38.54
CA LEU A 553 17.16 24.95 39.39
C LEU A 553 17.93 23.90 38.59
N VAL A 554 17.43 23.54 37.42
CA VAL A 554 18.14 22.59 36.56
C VAL A 554 19.06 23.26 35.55
N SER A 555 18.81 24.54 35.23
CA SER A 555 19.64 25.26 34.28
C SER A 555 20.95 25.77 34.89
N ALA A 556 21.16 25.53 36.18
CA ALA A 556 22.37 25.96 36.89
C ALA A 556 22.62 27.45 36.73
N PRO B 4 -17.22 11.51 -33.24
CA PRO B 4 -15.82 11.40 -32.82
C PRO B 4 -15.02 10.45 -33.70
N ILE B 5 -14.22 11.01 -34.62
CA ILE B 5 -13.44 10.22 -35.55
C ILE B 5 -11.96 10.47 -35.33
N GLU B 6 -11.54 11.73 -35.49
CA GLU B 6 -10.13 12.07 -35.34
C GLU B 6 -9.70 11.98 -33.88
N THR B 7 -8.50 11.46 -33.67
CA THR B 7 -7.93 11.34 -32.34
C THR B 7 -7.08 12.57 -32.02
N VAL B 8 -6.85 12.78 -30.72
CA VAL B 8 -6.05 13.90 -30.22
C VAL B 8 -4.67 13.35 -29.87
N PRO B 9 -3.59 13.86 -30.45
CA PRO B 9 -2.25 13.34 -30.13
C PRO B 9 -1.83 13.63 -28.70
N VAL B 10 -1.84 12.60 -27.85
CA VAL B 10 -1.48 12.73 -26.45
C VAL B 10 -0.05 12.23 -26.27
N LYS B 11 0.74 12.98 -25.51
CA LYS B 11 2.13 12.63 -25.23
C LYS B 11 2.38 12.66 -23.73
N LEU B 12 3.48 12.03 -23.33
CA LEU B 12 3.93 12.04 -21.95
C LEU B 12 4.89 13.21 -21.74
N LYS B 13 5.33 13.38 -20.50
CA LYS B 13 6.30 14.43 -20.20
C LYS B 13 7.67 14.04 -20.74
N PRO B 14 8.49 15.03 -21.09
CA PRO B 14 9.84 14.73 -21.61
C PRO B 14 10.63 13.82 -20.69
N GLY B 15 11.17 12.73 -21.26
CA GLY B 15 12.01 11.83 -20.50
C GLY B 15 11.28 11.02 -19.45
N MET B 16 10.02 10.67 -19.68
CA MET B 16 9.24 9.87 -18.74
C MET B 16 8.62 8.69 -19.47
N ASP B 17 8.85 7.48 -18.95
CA ASP B 17 8.20 6.30 -19.48
C ASP B 17 6.81 6.14 -18.86
N GLY B 18 6.06 5.17 -19.38
CA GLY B 18 4.74 4.91 -18.88
C GLY B 18 4.74 4.32 -17.49
N PRO B 19 3.57 4.21 -16.88
CA PRO B 19 3.50 3.71 -15.49
C PRO B 19 3.73 2.21 -15.42
N LYS B 20 4.46 1.79 -14.37
CA LYS B 20 4.70 0.38 -14.08
C LYS B 20 4.31 0.13 -12.61
N VAL B 21 3.02 0.27 -12.33
CA VAL B 21 2.49 0.12 -10.98
C VAL B 21 1.90 -1.28 -10.84
N LYS B 22 2.24 -1.97 -9.74
CA LYS B 22 1.78 -3.33 -9.53
C LYS B 22 0.35 -3.35 -9.04
N GLN B 23 -0.41 -4.34 -9.52
CA GLN B 23 -1.80 -4.51 -9.10
C GLN B 23 -1.83 -5.12 -7.70
N TRP B 24 -2.49 -4.44 -6.77
CA TRP B 24 -2.60 -4.96 -5.42
C TRP B 24 -3.69 -6.04 -5.36
N PRO B 25 -3.59 -6.95 -4.38
CA PRO B 25 -4.56 -8.07 -4.33
C PRO B 25 -5.99 -7.59 -4.16
N LEU B 26 -6.91 -8.34 -4.77
CA LEU B 26 -8.32 -8.02 -4.73
C LEU B 26 -9.11 -9.24 -4.25
N THR B 27 -10.23 -8.97 -3.58
CA THR B 27 -11.10 -10.04 -3.14
C THR B 27 -11.78 -10.70 -4.33
N GLU B 28 -12.33 -11.89 -4.09
CA GLU B 28 -12.99 -12.63 -5.17
C GLU B 28 -14.23 -11.91 -5.67
N GLU B 29 -14.96 -11.23 -4.79
CA GLU B 29 -16.16 -10.50 -5.21
C GLU B 29 -15.80 -9.33 -6.11
N LYS B 30 -14.67 -8.67 -5.87
CA LYS B 30 -14.25 -7.58 -6.75
C LYS B 30 -13.68 -8.08 -8.06
N ILE B 31 -13.00 -9.22 -8.04
CA ILE B 31 -12.45 -9.79 -9.27
C ILE B 31 -13.58 -10.20 -10.21
N LYS B 32 -14.57 -10.92 -9.68
CA LYS B 32 -15.69 -11.34 -10.52
C LYS B 32 -16.47 -10.14 -11.03
N ALA B 33 -16.58 -9.09 -10.23
CA ALA B 33 -17.30 -7.90 -10.68
C ALA B 33 -16.56 -7.20 -11.82
N LEU B 34 -15.23 -7.11 -11.72
CA LEU B 34 -14.46 -6.48 -12.77
C LEU B 34 -14.45 -7.30 -14.05
N VAL B 35 -14.48 -8.64 -13.94
CA VAL B 35 -14.55 -9.48 -15.13
C VAL B 35 -15.87 -9.27 -15.85
N GLU B 36 -16.97 -9.15 -15.10
CA GLU B 36 -18.26 -8.88 -15.71
C GLU B 36 -18.29 -7.50 -16.36
N ILE B 37 -17.69 -6.51 -15.71
CA ILE B 37 -17.68 -5.15 -16.25
C ILE B 37 -16.80 -5.08 -17.49
N CYS B 38 -15.60 -5.65 -17.42
CA CYS B 38 -14.66 -5.55 -18.54
C CYS B 38 -15.10 -6.39 -19.73
N THR B 39 -15.86 -7.47 -19.49
CA THR B 39 -16.39 -8.25 -20.60
C THR B 39 -17.39 -7.44 -21.42
N GLU B 40 -18.25 -6.67 -20.75
CA GLU B 40 -19.17 -5.80 -21.46
C GLU B 40 -18.42 -4.66 -22.16
N MET B 41 -17.43 -4.07 -21.48
CA MET B 41 -16.66 -3.00 -22.10
C MET B 41 -15.86 -3.50 -23.30
N GLU B 42 -15.45 -4.78 -23.28
CA GLU B 42 -14.76 -5.35 -24.43
C GLU B 42 -15.70 -5.53 -25.61
N LYS B 43 -16.95 -5.94 -25.32
CA LYS B 43 -17.94 -6.06 -26.39
C LYS B 43 -18.32 -4.70 -26.97
N GLU B 44 -18.31 -3.66 -26.14
CA GLU B 44 -18.64 -2.31 -26.58
C GLU B 44 -17.45 -1.59 -27.22
N GLY B 45 -16.31 -2.26 -27.36
CA GLY B 45 -15.15 -1.65 -27.97
C GLY B 45 -14.41 -0.65 -27.11
N LYS B 46 -14.79 -0.52 -25.84
CA LYS B 46 -14.12 0.45 -24.98
C LYS B 46 -12.73 -0.03 -24.57
N ILE B 47 -12.54 -1.33 -24.44
CA ILE B 47 -11.24 -1.91 -24.08
C ILE B 47 -10.98 -3.12 -24.97
N SER B 48 -9.70 -3.50 -25.05
CA SER B 48 -9.28 -4.65 -25.84
C SER B 48 -8.15 -5.37 -25.12
N LYS B 49 -8.05 -6.67 -25.37
CA LYS B 49 -6.96 -7.46 -24.82
C LYS B 49 -5.63 -7.02 -25.40
N ILE B 50 -4.56 -7.17 -24.60
CA ILE B 50 -3.22 -6.81 -25.02
C ILE B 50 -2.29 -7.99 -24.80
N GLY B 51 -1.15 -7.96 -25.51
CA GLY B 51 -0.17 -8.99 -25.40
C GLY B 51 0.95 -8.64 -24.46
N PRO B 52 1.98 -9.51 -24.38
CA PRO B 52 3.08 -9.27 -23.44
C PRO B 52 4.04 -8.16 -23.88
N GLU B 53 3.91 -7.64 -25.09
CA GLU B 53 4.75 -6.53 -25.51
C GLU B 53 4.37 -5.22 -24.85
N ASN B 54 3.30 -5.20 -24.05
CA ASN B 54 2.89 -4.04 -23.28
C ASN B 54 3.30 -4.26 -21.83
N PRO B 55 4.40 -3.68 -21.36
CA PRO B 55 4.82 -3.88 -19.98
C PRO B 55 4.21 -2.93 -18.97
N TYR B 56 3.45 -1.93 -19.41
CA TYR B 56 2.87 -0.95 -18.51
C TYR B 56 1.70 -1.54 -17.74
N ASN B 57 1.39 -0.92 -16.61
CA ASN B 57 0.25 -1.36 -15.80
C ASN B 57 -0.19 -0.23 -14.89
N THR B 58 -1.48 -0.24 -14.55
CA THR B 58 -2.10 0.75 -13.67
C THR B 58 -3.10 -0.03 -12.81
N PRO B 59 -3.08 0.18 -11.50
CA PRO B 59 -3.96 -0.62 -10.63
C PRO B 59 -5.43 -0.34 -10.87
N VAL B 60 -6.26 -1.33 -10.58
N VAL B 60 -6.25 -1.34 -10.61
CA VAL B 60 -7.70 -1.24 -10.75
CA VAL B 60 -7.71 -1.23 -10.74
C VAL B 60 -8.38 -1.97 -9.59
C VAL B 60 -8.35 -1.95 -9.56
N PHE B 61 -9.54 -1.48 -9.19
CA PHE B 61 -10.32 -2.11 -8.14
C PHE B 61 -11.77 -1.70 -8.32
N ALA B 62 -12.65 -2.39 -7.59
CA ALA B 62 -14.09 -2.23 -7.73
C ALA B 62 -14.67 -1.61 -6.47
N ILE B 63 -15.57 -0.64 -6.66
CA ILE B 63 -16.25 0.04 -5.56
C ILE B 63 -17.75 -0.02 -5.83
N LYS B 64 -18.53 0.50 -4.87
CA LYS B 64 -19.96 0.64 -5.01
C LYS B 64 -20.33 2.07 -4.65
N LYS B 65 -20.96 2.77 -5.59
CA LYS B 65 -21.25 4.19 -5.40
C LYS B 65 -22.21 4.39 -4.24
N LYS B 66 -22.20 5.61 -3.69
CA LYS B 66 -23.07 5.95 -2.59
C LYS B 66 -24.53 5.79 -2.99
N ASP B 67 -25.27 5.00 -2.21
CA ASP B 67 -26.68 4.71 -2.47
C ASP B 67 -26.85 4.02 -3.83
N SER B 68 -26.07 2.95 -4.04
CA SER B 68 -26.14 2.16 -5.26
C SER B 68 -25.81 0.72 -4.94
N THR B 69 -26.27 -0.19 -5.79
CA THR B 69 -26.09 -1.62 -5.60
C THR B 69 -25.36 -2.30 -6.74
N LYS B 70 -24.72 -1.53 -7.62
CA LYS B 70 -23.96 -2.07 -8.74
C LYS B 70 -22.50 -1.69 -8.60
N TRP B 71 -21.62 -2.65 -8.86
CA TRP B 71 -20.18 -2.40 -8.78
C TRP B 71 -19.74 -1.43 -9.87
N ARG B 72 -18.75 -0.62 -9.54
CA ARG B 72 -18.16 0.33 -10.48
C ARG B 72 -16.67 0.06 -10.62
N LYS B 73 -16.18 0.13 -11.86
CA LYS B 73 -14.77 -0.06 -12.14
C LYS B 73 -14.02 1.24 -11.91
N LEU B 74 -13.07 1.23 -10.96
CA LEU B 74 -12.29 2.40 -10.62
C LEU B 74 -10.82 2.14 -10.89
N VAL B 75 -10.17 3.07 -11.57
CA VAL B 75 -8.77 2.95 -11.95
C VAL B 75 -7.96 3.98 -11.19
N ASP B 76 -6.76 3.58 -10.75
CA ASP B 76 -5.87 4.46 -10.01
C ASP B 76 -4.85 5.05 -10.98
N PHE B 77 -5.31 6.04 -11.74
CA PHE B 77 -4.49 6.72 -12.74
C PHE B 77 -3.55 7.76 -12.13
N ARG B 78 -3.25 7.68 -10.83
CA ARG B 78 -2.41 8.69 -10.19
C ARG B 78 -1.03 8.74 -10.82
N GLU B 79 -0.44 7.58 -11.08
CA GLU B 79 0.90 7.56 -11.68
C GLU B 79 0.87 7.98 -13.14
N LEU B 80 -0.21 7.65 -13.86
CA LEU B 80 -0.30 8.05 -15.26
C LEU B 80 -0.59 9.53 -15.41
N ASN B 81 -1.40 10.10 -14.51
CA ASN B 81 -1.74 11.51 -14.60
C ASN B 81 -0.53 12.39 -14.35
N LYS B 82 0.33 12.03 -13.39
CA LYS B 82 1.53 12.81 -13.14
C LYS B 82 2.59 12.60 -14.20
N ARG B 83 2.46 11.56 -15.04
CA ARG B 83 3.34 11.37 -16.17
C ARG B 83 2.77 11.93 -17.47
N THR B 84 1.45 12.13 -17.53
CA THR B 84 0.86 12.75 -18.71
C THR B 84 1.17 14.24 -18.72
N GLN B 85 1.39 14.78 -19.91
CA GLN B 85 1.80 16.17 -20.04
C GLN B 85 0.68 17.11 -19.60
N ASP B 86 1.08 18.36 -19.32
CA ASP B 86 0.10 19.38 -18.99
C ASP B 86 -0.75 19.70 -20.22
N PHE B 87 -2.07 19.72 -20.03
CA PHE B 87 -3.00 19.90 -21.14
C PHE B 87 -3.30 21.38 -21.32
N TRP B 88 -2.46 22.06 -22.11
CA TRP B 88 -2.71 23.42 -22.56
C TRP B 88 -2.87 23.47 -24.08
N GLU B 89 -3.32 22.36 -24.67
CA GLU B 89 -3.45 22.29 -26.13
C GLU B 89 -4.50 23.25 -26.66
N VAL B 90 -5.46 23.66 -25.82
CA VAL B 90 -6.45 24.65 -26.21
C VAL B 90 -6.26 25.89 -25.35
N GLN B 91 -6.66 25.80 -24.09
CA GLN B 91 -6.55 26.91 -23.15
C GLN B 91 -5.21 26.87 -22.41
N LEU B 92 -4.63 28.05 -22.22
CA LEU B 92 -3.39 28.17 -21.47
C LEU B 92 -3.57 27.89 -19.98
N GLY B 93 -4.81 27.78 -19.52
CA GLY B 93 -5.09 27.57 -18.11
C GLY B 93 -6.33 28.32 -17.67
N ILE B 94 -7.35 27.59 -17.22
CA ILE B 94 -8.63 28.18 -16.82
C ILE B 94 -8.53 28.53 -15.34
N PRO B 95 -8.62 29.82 -14.98
CA PRO B 95 -8.73 30.17 -13.56
C PRO B 95 -9.99 29.57 -12.96
N HIS B 96 -9.88 29.12 -11.71
CA HIS B 96 -11.00 28.43 -11.09
C HIS B 96 -12.16 29.40 -10.86
N PRO B 97 -13.40 28.98 -11.15
CA PRO B 97 -14.54 29.85 -10.89
C PRO B 97 -14.76 30.12 -9.41
N ALA B 98 -14.52 31.36 -8.99
CA ALA B 98 -14.67 31.72 -7.58
C ALA B 98 -16.12 31.72 -7.14
N GLY B 99 -17.07 31.84 -8.07
CA GLY B 99 -18.47 31.82 -7.71
C GLY B 99 -19.03 30.45 -7.41
N LEU B 100 -18.25 29.39 -7.65
CA LEU B 100 -18.74 28.04 -7.37
C LEU B 100 -18.89 27.80 -5.87
N LYS B 101 -18.07 28.46 -5.05
CA LYS B 101 -18.11 28.28 -3.61
C LYS B 101 -19.04 29.26 -2.91
N LYS B 102 -19.60 30.24 -3.64
CA LYS B 102 -20.54 31.18 -3.06
C LYS B 102 -21.99 30.86 -3.40
N LYS B 103 -22.24 29.85 -4.22
CA LYS B 103 -23.60 29.44 -4.54
C LYS B 103 -24.20 28.70 -3.34
N LYS B 104 -25.46 28.28 -3.47
CA LYS B 104 -26.21 27.70 -2.37
C LYS B 104 -26.32 26.18 -2.44
N SER B 105 -26.77 25.63 -3.56
CA SER B 105 -26.95 24.19 -3.72
C SER B 105 -26.16 23.73 -4.94
N VAL B 106 -25.13 22.94 -4.71
CA VAL B 106 -24.25 22.45 -5.78
C VAL B 106 -24.50 20.96 -5.96
N THR B 107 -24.79 20.55 -7.18
CA THR B 107 -25.06 19.16 -7.52
C THR B 107 -23.86 18.59 -8.27
N VAL B 108 -23.43 17.39 -7.88
CA VAL B 108 -22.29 16.72 -8.48
C VAL B 108 -22.80 15.49 -9.23
N LEU B 109 -22.57 15.46 -10.53
CA LEU B 109 -22.97 14.34 -11.37
C LEU B 109 -21.75 13.49 -11.70
N ASP B 110 -21.91 12.55 -12.64
CA ASP B 110 -20.82 11.68 -13.07
C ASP B 110 -20.90 11.56 -14.59
N VAL B 111 -20.23 12.48 -15.29
CA VAL B 111 -20.22 12.49 -16.75
C VAL B 111 -19.05 11.65 -17.25
N GLY B 112 -18.61 10.70 -16.44
CA GLY B 112 -17.51 9.84 -16.84
C GLY B 112 -17.86 8.90 -17.97
N ASP B 113 -19.11 8.44 -18.03
CA ASP B 113 -19.53 7.53 -19.09
C ASP B 113 -19.59 8.22 -20.44
N ALA B 114 -19.77 9.54 -20.47
CA ALA B 114 -19.75 10.27 -21.73
C ALA B 114 -18.38 10.29 -22.37
N TYR B 115 -17.33 9.97 -21.61
CA TYR B 115 -15.98 9.94 -22.18
C TYR B 115 -15.75 8.72 -23.06
N PHE B 116 -16.59 7.68 -22.94
CA PHE B 116 -16.42 6.47 -23.71
C PHE B 116 -16.83 6.63 -25.18
N SER B 117 -17.36 7.78 -25.57
CA SER B 117 -17.77 8.01 -26.95
C SER B 117 -16.66 8.62 -27.80
N VAL B 118 -15.58 9.08 -27.19
CA VAL B 118 -14.45 9.70 -27.90
C VAL B 118 -13.28 8.72 -27.88
N PRO B 119 -12.74 8.35 -29.04
CA PRO B 119 -11.59 7.43 -29.04
C PRO B 119 -10.34 8.07 -28.48
N LEU B 120 -9.38 7.22 -28.13
CA LEU B 120 -8.09 7.64 -27.62
C LEU B 120 -7.02 7.44 -28.68
N ASP B 121 -6.05 8.35 -28.68
CA ASP B 121 -4.90 8.25 -29.58
C ASP B 121 -4.28 6.86 -29.53
N GLU B 122 -4.17 6.23 -30.70
CA GLU B 122 -3.63 4.87 -30.77
C GLU B 122 -2.20 4.78 -30.26
N ASP B 123 -1.47 5.90 -30.25
CA ASP B 123 -0.11 5.91 -29.73
C ASP B 123 -0.06 6.06 -28.21
N PHE B 124 -1.19 6.28 -27.56
CA PHE B 124 -1.25 6.44 -26.12
C PHE B 124 -2.03 5.33 -25.42
N ARG B 125 -2.67 4.42 -26.17
CA ARG B 125 -3.52 3.42 -25.54
C ARG B 125 -2.72 2.42 -24.71
N LYS B 126 -1.45 2.19 -25.05
CA LYS B 126 -0.64 1.23 -24.31
C LYS B 126 -0.33 1.70 -22.91
N TYR B 127 -0.40 3.00 -22.64
CA TYR B 127 -0.11 3.53 -21.31
C TYR B 127 -1.27 3.38 -20.34
N THR B 128 -2.46 3.02 -20.83
CA THR B 128 -3.63 2.82 -19.99
C THR B 128 -3.83 1.35 -19.62
N ALA B 129 -2.78 0.54 -19.74
CA ALA B 129 -2.90 -0.90 -19.48
C ALA B 129 -3.18 -1.17 -18.02
N PHE B 130 -4.07 -2.13 -17.77
CA PHE B 130 -4.39 -2.56 -16.41
C PHE B 130 -4.57 -4.07 -16.41
N THR B 131 -4.56 -4.64 -15.20
CA THR B 131 -4.59 -6.10 -15.03
C THR B 131 -5.67 -6.49 -14.05
N ILE B 132 -6.54 -7.40 -14.46
CA ILE B 132 -7.48 -8.05 -13.55
C ILE B 132 -6.75 -9.22 -12.91
N PRO B 133 -6.40 -9.13 -11.63
CA PRO B 133 -5.57 -10.19 -11.02
C PRO B 133 -6.35 -11.48 -10.83
N SER B 134 -5.61 -12.56 -10.66
CA SER B 134 -6.16 -13.86 -10.36
C SER B 134 -5.91 -14.21 -8.90
N ILE B 135 -6.72 -15.13 -8.38
CA ILE B 135 -6.58 -15.57 -7.00
C ILE B 135 -5.48 -16.62 -6.92
N ASN B 136 -4.58 -16.46 -5.96
CA ASN B 136 -3.54 -17.45 -5.66
C ASN B 136 -2.66 -17.74 -6.88
N ASN B 137 -2.51 -16.76 -7.77
CA ASN B 137 -1.66 -16.89 -8.96
C ASN B 137 -2.00 -18.14 -9.77
N GLU B 138 -3.29 -18.49 -9.80
CA GLU B 138 -3.71 -19.69 -10.55
C GLU B 138 -3.51 -19.49 -12.04
N THR B 139 -3.93 -18.35 -12.57
CA THR B 139 -3.82 -18.00 -13.98
C THR B 139 -3.16 -16.64 -14.11
N PRO B 140 -2.60 -16.33 -15.28
CA PRO B 140 -2.11 -14.97 -15.52
C PRO B 140 -3.24 -13.97 -15.47
N GLY B 141 -2.91 -12.75 -15.04
CA GLY B 141 -3.93 -11.72 -14.93
C GLY B 141 -4.43 -11.29 -16.30
N ILE B 142 -5.73 -11.02 -16.38
CA ILE B 142 -6.35 -10.59 -17.63
C ILE B 142 -5.90 -9.17 -17.93
N ARG B 143 -5.25 -8.98 -19.08
CA ARG B 143 -4.65 -7.71 -19.44
C ARG B 143 -5.53 -6.98 -20.45
N TYR B 144 -5.76 -5.69 -20.21
CA TYR B 144 -6.57 -4.86 -21.09
C TYR B 144 -5.86 -3.53 -21.33
N GLN B 145 -6.36 -2.80 -22.32
CA GLN B 145 -5.99 -1.40 -22.52
C GLN B 145 -7.22 -0.67 -23.05
N TYR B 146 -7.25 0.65 -22.83
CA TYR B 146 -8.41 1.46 -23.20
C TYR B 146 -8.30 1.92 -24.65
N ASN B 147 -9.41 1.79 -25.38
CA ASN B 147 -9.52 2.31 -26.73
C ASN B 147 -10.19 3.68 -26.78
N VAL B 148 -10.87 4.07 -25.71
CA VAL B 148 -11.54 5.37 -25.63
C VAL B 148 -10.98 6.12 -24.43
N LEU B 149 -11.55 7.29 -24.14
CA LEU B 149 -11.08 8.08 -23.01
C LEU B 149 -11.53 7.43 -21.70
N PRO B 150 -10.61 7.00 -20.84
CA PRO B 150 -11.02 6.32 -19.61
C PRO B 150 -11.38 7.29 -18.50
N GLN B 151 -12.21 6.81 -17.59
CA GLN B 151 -12.59 7.59 -16.42
C GLN B 151 -11.43 7.67 -15.44
N GLY B 152 -11.23 8.84 -14.85
CA GLY B 152 -10.16 9.06 -13.90
C GLY B 152 -8.84 9.48 -14.51
N TRP B 153 -8.78 9.67 -15.83
CA TRP B 153 -7.56 10.13 -16.47
C TRP B 153 -7.59 11.64 -16.62
N LYS B 154 -6.42 12.26 -16.48
CA LYS B 154 -6.34 13.72 -16.52
C LYS B 154 -6.73 14.26 -17.90
N GLY B 155 -6.34 13.57 -18.97
CA GLY B 155 -6.63 14.04 -20.30
C GLY B 155 -8.06 13.84 -20.77
N SER B 156 -8.84 13.03 -20.06
CA SER B 156 -10.21 12.76 -20.49
C SER B 156 -11.09 14.01 -20.47
N PRO B 157 -11.14 14.80 -19.39
CA PRO B 157 -11.94 16.04 -19.45
C PRO B 157 -11.33 17.11 -20.32
N ALA B 158 -10.01 17.10 -20.54
CA ALA B 158 -9.39 18.11 -21.39
C ALA B 158 -9.67 17.84 -22.86
N ILE B 159 -9.60 16.57 -23.28
CA ILE B 159 -9.90 16.23 -24.67
C ILE B 159 -11.38 16.41 -24.95
N PHE B 160 -12.24 15.95 -24.05
CA PHE B 160 -13.68 16.11 -24.22
C PHE B 160 -14.16 17.52 -23.92
N GLN B 161 -13.26 18.41 -23.50
CA GLN B 161 -13.66 19.79 -23.21
C GLN B 161 -14.15 20.50 -24.47
N SER B 162 -13.68 20.09 -25.64
CA SER B 162 -14.17 20.68 -26.88
C SER B 162 -15.61 20.25 -27.17
N SER B 163 -15.94 19.00 -26.88
CA SER B 163 -17.28 18.49 -27.12
C SER B 163 -18.24 18.73 -25.96
N MET B 164 -17.72 18.88 -24.74
CA MET B 164 -18.59 19.12 -23.59
C MET B 164 -19.23 20.49 -23.65
N THR B 165 -18.46 21.51 -24.07
CA THR B 165 -19.00 22.87 -24.10
C THR B 165 -20.12 23.00 -25.11
N LYS B 166 -20.03 22.30 -26.24
CA LYS B 166 -21.08 22.35 -27.25
C LYS B 166 -22.39 21.78 -26.73
N ILE B 167 -22.34 20.90 -25.73
CA ILE B 167 -23.57 20.36 -25.15
C ILE B 167 -24.12 21.29 -24.08
N LEU B 168 -23.25 22.09 -23.45
CA LEU B 168 -23.66 22.96 -22.36
C LEU B 168 -24.09 24.35 -22.82
N GLU B 169 -23.80 24.71 -24.08
CA GLU B 169 -24.17 26.04 -24.55
C GLU B 169 -25.69 26.27 -24.60
N PRO B 170 -26.52 25.34 -25.07
CA PRO B 170 -27.97 25.61 -25.06
C PRO B 170 -28.55 25.80 -23.67
N PHE B 171 -27.86 25.34 -22.62
CA PHE B 171 -28.33 25.56 -21.26
C PHE B 171 -27.70 26.80 -20.62
N LYS B 172 -26.46 27.13 -20.99
CA LYS B 172 -25.88 28.38 -20.54
C LYS B 172 -26.67 29.58 -21.05
N LYS B 173 -27.18 29.48 -22.29
CA LYS B 173 -28.02 30.53 -22.84
C LYS B 173 -29.35 30.61 -22.10
N GLN B 174 -29.88 29.49 -21.63
CA GLN B 174 -31.14 29.50 -20.90
C GLN B 174 -30.98 30.17 -19.53
N ASN B 175 -30.02 29.71 -18.74
CA ASN B 175 -29.76 30.28 -17.42
C ASN B 175 -28.37 30.90 -17.41
N PRO B 176 -28.24 32.22 -17.31
CA PRO B 176 -26.92 32.85 -17.36
C PRO B 176 -26.21 32.87 -16.01
N ASP B 177 -26.97 32.85 -14.92
CA ASP B 177 -26.41 32.99 -13.58
C ASP B 177 -26.20 31.65 -12.88
N ILE B 178 -26.08 30.57 -13.65
CA ILE B 178 -25.78 29.26 -13.08
C ILE B 178 -24.32 28.93 -13.37
N VAL B 179 -23.65 28.36 -12.38
CA VAL B 179 -22.22 28.07 -12.46
C VAL B 179 -22.04 26.57 -12.70
N ILE B 180 -21.28 26.23 -13.74
CA ILE B 180 -20.94 24.85 -14.05
C ILE B 180 -19.42 24.71 -13.99
N TYR B 181 -18.96 23.61 -13.42
CA TYR B 181 -17.53 23.34 -13.32
C TYR B 181 -17.30 21.84 -13.47
N GLN B 182 -16.28 21.48 -14.24
CA GLN B 182 -15.95 20.09 -14.51
C GLN B 182 -14.58 19.77 -13.93
N TYR B 183 -14.48 18.65 -13.22
CA TYR B 183 -13.20 18.16 -12.72
C TYR B 183 -13.20 16.64 -12.82
N MET B 184 -12.31 16.10 -13.66
CA MET B 184 -12.17 14.66 -13.88
C MET B 184 -13.51 14.13 -14.38
N ASP B 185 -14.13 13.16 -13.71
CA ASP B 185 -15.38 12.55 -14.16
C ASP B 185 -16.61 13.19 -13.51
N ASP B 186 -16.46 14.37 -12.91
CA ASP B 186 -17.53 15.02 -12.18
C ASP B 186 -17.81 16.39 -12.76
N LEU B 187 -19.10 16.75 -12.83
CA LEU B 187 -19.53 18.07 -13.26
C LEU B 187 -20.27 18.71 -12.09
N TYR B 188 -19.79 19.88 -11.66
CA TYR B 188 -20.33 20.58 -10.49
C TYR B 188 -21.29 21.65 -10.97
N VAL B 189 -22.57 21.48 -10.66
CA VAL B 189 -23.63 22.39 -11.09
C VAL B 189 -24.24 23.02 -9.85
N GLY B 190 -24.09 24.33 -9.71
CA GLY B 190 -24.59 25.07 -8.56
C GLY B 190 -25.51 26.20 -8.97
N SER B 191 -26.55 26.42 -8.18
CA SER B 191 -27.52 27.47 -8.43
C SER B 191 -27.91 28.14 -7.12
N ASP B 192 -28.31 29.40 -7.21
CA ASP B 192 -28.66 30.20 -6.03
C ASP B 192 -30.13 30.08 -5.65
N LEU B 193 -30.86 29.12 -6.23
CA LEU B 193 -32.27 28.94 -5.91
C LEU B 193 -32.44 27.68 -5.06
N GLU B 194 -33.61 27.59 -4.42
CA GLU B 194 -33.85 26.54 -3.44
C GLU B 194 -33.97 25.18 -4.12
N ILE B 195 -34.01 24.14 -3.28
CA ILE B 195 -34.02 22.75 -3.76
C ILE B 195 -35.35 22.37 -4.40
N GLY B 196 -36.37 23.22 -4.32
CA GLY B 196 -37.65 22.88 -4.92
C GLY B 196 -37.55 22.65 -6.42
N GLN B 197 -36.93 23.58 -7.14
CA GLN B 197 -36.71 23.45 -8.56
C GLN B 197 -35.33 22.91 -8.90
N HIS B 198 -34.47 22.70 -7.89
CA HIS B 198 -33.12 22.23 -8.15
C HIS B 198 -33.13 20.79 -8.68
N ARG B 199 -34.03 19.96 -8.17
CA ARG B 199 -34.15 18.60 -8.69
C ARG B 199 -34.62 18.60 -10.14
N THR B 200 -35.58 19.47 -10.47
CA THR B 200 -36.06 19.54 -11.85
C THR B 200 -35.03 20.21 -12.76
N LYS B 201 -34.22 21.12 -12.22
CA LYS B 201 -33.21 21.78 -13.04
C LYS B 201 -32.05 20.84 -13.35
N ILE B 202 -31.68 20.00 -12.38
CA ILE B 202 -30.64 18.99 -12.64
C ILE B 202 -31.19 17.89 -13.52
N GLU B 203 -32.46 17.52 -13.34
CA GLU B 203 -33.09 16.55 -14.22
C GLU B 203 -33.15 17.06 -15.65
N GLU B 204 -33.25 18.38 -15.83
CA GLU B 204 -33.15 18.97 -17.16
C GLU B 204 -31.79 18.72 -17.80
N LEU B 205 -30.76 18.49 -16.99
CA LEU B 205 -29.42 18.26 -17.49
C LEU B 205 -29.06 16.78 -17.59
N ARG B 206 -29.87 15.89 -17.03
CA ARG B 206 -29.56 14.47 -17.05
C ARG B 206 -29.71 13.89 -18.45
N GLN B 207 -30.95 13.77 -18.94
CA GLN B 207 -31.18 13.26 -20.28
C GLN B 207 -30.70 14.21 -21.37
N HIS B 208 -30.38 15.46 -21.02
CA HIS B 208 -29.81 16.37 -22.01
C HIS B 208 -28.45 15.88 -22.50
N LEU B 209 -27.69 15.23 -21.63
CA LEU B 209 -26.39 14.70 -22.02
C LEU B 209 -26.50 13.39 -22.80
N LEU B 210 -27.53 12.59 -22.53
CA LEU B 210 -27.66 11.30 -23.18
C LEU B 210 -28.11 11.46 -24.63
N ARG B 211 -29.01 12.41 -24.91
CA ARG B 211 -29.53 12.58 -26.25
C ARG B 211 -28.49 13.16 -27.20
N TRP B 212 -27.40 13.73 -26.68
CA TRP B 212 -26.31 14.24 -27.49
C TRP B 212 -25.13 13.28 -27.56
N GLY B 213 -25.36 11.99 -27.26
CA GLY B 213 -24.30 11.00 -27.31
C GLY B 213 -24.81 9.58 -27.16
N PRO B 225 -25.14 5.17 -19.84
CA PRO B 225 -24.73 5.85 -18.61
C PRO B 225 -25.26 5.16 -17.36
N PRO B 226 -24.40 4.46 -16.63
CA PRO B 226 -24.86 3.72 -15.44
C PRO B 226 -25.06 4.61 -14.22
N PHE B 227 -24.17 5.58 -14.01
CA PHE B 227 -24.19 6.42 -12.82
C PHE B 227 -24.41 7.88 -13.16
N LEU B 228 -25.25 8.15 -14.16
CA LEU B 228 -25.60 9.51 -14.55
C LEU B 228 -26.98 9.94 -14.06
N TRP B 229 -27.62 9.12 -13.23
CA TRP B 229 -28.97 9.41 -12.75
C TRP B 229 -28.97 10.03 -11.35
N MET B 230 -27.85 10.04 -10.66
CA MET B 230 -27.76 10.56 -9.31
C MET B 230 -26.93 11.84 -9.28
N GLY B 231 -27.33 12.77 -8.40
CA GLY B 231 -26.60 14.00 -8.23
C GLY B 231 -26.23 14.29 -6.79
N TYR B 232 -24.94 14.22 -6.48
CA TYR B 232 -24.45 14.47 -5.13
C TYR B 232 -24.61 15.96 -4.81
N GLU B 233 -25.52 16.27 -3.88
CA GLU B 233 -25.85 17.65 -3.58
C GLU B 233 -24.94 18.21 -2.50
N LEU B 234 -24.53 19.46 -2.68
CA LEU B 234 -23.68 20.17 -1.73
C LEU B 234 -24.31 21.50 -1.36
N HIS B 235 -23.84 22.07 -0.27
CA HIS B 235 -24.29 23.39 0.19
C HIS B 235 -23.09 24.15 0.74
N PRO B 236 -22.25 24.70 -0.14
CA PRO B 236 -21.05 25.39 0.33
C PRO B 236 -21.33 26.75 0.96
N ASP B 237 -22.52 27.32 0.74
CA ASP B 237 -22.85 28.59 1.38
C ASP B 237 -23.05 28.43 2.88
N LYS B 238 -23.26 27.20 3.37
CA LYS B 238 -23.45 26.95 4.79
C LYS B 238 -22.35 26.07 5.37
N TRP B 239 -21.22 25.95 4.67
CA TRP B 239 -20.08 25.21 5.20
C TRP B 239 -19.40 26.05 6.29
N THR B 240 -19.43 25.54 7.52
CA THR B 240 -18.93 26.30 8.66
C THR B 240 -17.41 26.27 8.72
N VAL B 241 -16.84 27.35 9.26
CA VAL B 241 -15.41 27.45 9.48
C VAL B 241 -15.17 27.41 10.99
N GLN B 242 -13.94 27.08 11.37
CA GLN B 242 -13.55 26.91 12.78
C GLN B 242 -12.47 27.92 13.14
N PRO B 243 -12.85 29.12 13.58
CA PRO B 243 -11.86 30.08 14.09
C PRO B 243 -11.41 29.71 15.48
N ILE B 244 -10.35 30.38 15.94
CA ILE B 244 -9.79 30.12 17.26
C ILE B 244 -10.70 30.73 18.31
N VAL B 245 -11.15 29.90 19.25
CA VAL B 245 -12.07 30.30 20.30
C VAL B 245 -11.45 30.03 21.66
N LEU B 246 -11.59 30.99 22.58
CA LEU B 246 -11.11 30.87 23.95
C LEU B 246 -12.27 30.60 24.90
N PRO B 247 -12.04 29.85 25.97
CA PRO B 247 -13.14 29.51 26.88
C PRO B 247 -13.61 30.71 27.67
N GLU B 248 -14.90 30.70 28.01
N GLU B 248 -14.90 30.69 28.02
CA GLU B 248 -15.52 31.72 28.86
CA GLU B 248 -15.52 31.72 28.86
C GLU B 248 -15.93 31.02 30.16
C GLU B 248 -15.94 31.04 30.16
N LYS B 249 -15.15 31.25 31.21
CA LYS B 249 -15.37 30.61 32.50
C LYS B 249 -15.47 31.67 33.58
N ASP B 250 -16.18 31.31 34.66
CA ASP B 250 -16.28 32.17 35.84
C ASP B 250 -15.26 31.82 36.91
N SER B 251 -14.78 30.57 36.93
CA SER B 251 -13.74 30.14 37.85
C SER B 251 -12.71 29.34 37.07
N TRP B 252 -11.45 29.74 37.18
CA TRP B 252 -10.36 29.13 36.42
C TRP B 252 -9.43 28.39 37.37
N THR B 253 -9.20 27.11 37.08
CA THR B 253 -8.21 26.34 37.82
C THR B 253 -6.83 26.55 37.22
N VAL B 254 -5.82 25.99 37.90
CA VAL B 254 -4.44 26.08 37.39
C VAL B 254 -4.33 25.37 36.05
N ASN B 255 -4.95 24.19 35.93
CA ASN B 255 -4.89 23.46 34.67
C ASN B 255 -5.60 24.19 33.55
N ASP B 256 -6.73 24.84 33.86
CA ASP B 256 -7.43 25.62 32.85
C ASP B 256 -6.58 26.77 32.33
N ILE B 257 -5.90 27.47 33.24
CA ILE B 257 -5.05 28.57 32.82
C ILE B 257 -3.84 28.06 32.05
N GLN B 258 -3.31 26.89 32.44
CA GLN B 258 -2.18 26.31 31.73
C GLN B 258 -2.56 25.96 30.30
N LYS B 259 -3.73 25.37 30.10
CA LYS B 259 -4.19 25.06 28.75
C LYS B 259 -4.52 26.33 27.97
N LEU B 260 -4.92 27.39 28.67
CA LEU B 260 -5.25 28.65 28.01
C LEU B 260 -3.99 29.31 27.43
N VAL B 261 -2.96 29.44 28.26
CA VAL B 261 -1.71 30.05 27.78
C VAL B 261 -1.07 29.19 26.71
N GLY B 262 -1.12 27.86 26.88
CA GLY B 262 -0.63 26.98 25.85
C GLY B 262 -1.36 27.14 24.52
N LYS B 263 -2.67 27.45 24.58
CA LYS B 263 -3.42 27.70 23.36
C LYS B 263 -3.08 29.07 22.78
N LEU B 264 -2.90 30.07 23.64
CA LEU B 264 -2.55 31.40 23.16
C LEU B 264 -1.12 31.44 22.65
N ASN B 265 -0.20 30.68 23.26
CA ASN B 265 1.15 30.60 22.74
C ASN B 265 1.18 29.95 21.37
N TRP B 266 0.35 28.93 21.17
CA TRP B 266 0.22 28.33 19.85
C TRP B 266 -0.39 29.32 18.85
N ALA B 267 -1.42 30.06 19.27
CA ALA B 267 -2.04 31.04 18.40
C ALA B 267 -1.15 32.25 18.15
N SER B 268 -0.15 32.48 19.02
CA SER B 268 0.75 33.61 18.82
C SER B 268 1.60 33.45 17.56
N GLN B 269 1.79 32.23 17.07
CA GLN B 269 2.53 32.01 15.83
C GLN B 269 1.72 32.40 14.60
N ILE B 270 0.40 32.44 14.71
CA ILE B 270 -0.48 32.85 13.61
C ILE B 270 -0.88 34.30 13.72
N TYR B 271 -1.31 34.73 14.92
CA TYR B 271 -1.78 36.10 15.12
C TYR B 271 -0.75 36.92 15.86
N PRO B 272 -0.43 38.12 15.38
CA PRO B 272 0.49 39.00 16.11
C PRO B 272 -0.23 39.75 17.22
N GLY B 273 0.54 40.06 18.26
CA GLY B 273 0.02 40.82 19.39
C GLY B 273 -0.54 39.98 20.52
N ILE B 274 -0.52 38.66 20.40
CA ILE B 274 -1.02 37.80 21.47
C ILE B 274 -0.01 37.80 22.61
N LYS B 275 -0.47 38.14 23.81
CA LYS B 275 0.38 38.18 25.00
C LYS B 275 -0.16 37.24 26.06
N VAL B 276 0.74 36.72 26.88
CA VAL B 276 0.38 35.79 27.94
C VAL B 276 1.10 36.18 29.23
N ARG B 277 1.57 37.43 29.30
CA ARG B 277 2.32 37.87 30.47
C ARG B 277 1.41 37.99 31.69
N GLN B 278 0.29 38.70 31.55
CA GLN B 278 -0.63 38.88 32.68
C GLN B 278 -1.31 37.58 33.05
N LEU B 279 -1.47 36.66 32.11
CA LEU B 279 -2.05 35.35 32.41
C LEU B 279 -1.06 34.40 33.05
N SER B 280 0.24 34.71 32.98
CA SER B 280 1.25 33.91 33.66
C SER B 280 1.47 34.34 35.10
N LYS B 281 1.26 35.61 35.41
CA LYS B 281 1.45 36.11 36.77
C LYS B 281 0.37 35.63 37.72
N LEU B 282 -0.65 34.93 37.23
CA LEU B 282 -1.62 34.31 38.12
C LEU B 282 -1.19 32.91 38.57
N LEU B 283 -0.37 32.23 37.78
CA LEU B 283 0.17 30.93 38.14
C LEU B 283 1.39 31.02 39.04
N ARG B 284 1.73 32.22 39.52
CA ARG B 284 2.92 32.41 40.35
C ARG B 284 2.90 31.45 41.54
N GLY B 285 3.99 30.70 41.70
CA GLY B 285 4.10 29.72 42.75
C GLY B 285 3.83 28.31 42.24
N THR B 286 4.04 27.36 43.14
N THR B 286 4.06 27.35 43.13
CA THR B 286 3.86 25.94 42.84
CA THR B 286 3.86 25.94 42.84
C THR B 286 2.51 25.51 43.41
C THR B 286 2.51 25.53 43.42
N LYS B 287 1.47 25.65 42.60
CA LYS B 287 0.11 25.37 43.02
C LYS B 287 -0.41 24.06 42.43
N ALA B 288 -1.42 23.51 43.10
CA ALA B 288 -2.06 22.29 42.62
C ALA B 288 -2.89 22.57 41.38
N LEU B 289 -2.99 21.57 40.51
CA LEU B 289 -3.68 21.74 39.24
C LEU B 289 -5.17 22.05 39.44
N THR B 290 -5.78 21.46 40.46
CA THR B 290 -7.22 21.61 40.69
C THR B 290 -7.56 22.81 41.55
N GLU B 291 -6.60 23.69 41.84
CA GLU B 291 -6.85 24.86 42.66
C GLU B 291 -7.39 26.00 41.79
N VAL B 292 -8.48 26.62 42.25
CA VAL B 292 -9.09 27.73 41.52
C VAL B 292 -8.28 29.00 41.77
N ILE B 293 -7.91 29.67 40.69
CA ILE B 293 -7.19 30.93 40.74
C ILE B 293 -8.13 32.04 40.28
N PRO B 294 -8.42 33.04 41.10
CA PRO B 294 -9.29 34.14 40.65
C PRO B 294 -8.58 35.01 39.64
N LEU B 295 -9.31 35.39 38.58
CA LEU B 295 -8.75 36.25 37.55
C LEU B 295 -8.68 37.69 38.04
N THR B 296 -7.49 38.28 37.94
CA THR B 296 -7.35 39.70 38.20
C THR B 296 -7.85 40.50 37.01
N GLU B 297 -8.28 41.73 37.27
CA GLU B 297 -8.76 42.60 36.21
C GLU B 297 -7.67 42.92 35.19
N GLU B 298 -6.40 42.87 35.60
CA GLU B 298 -5.31 43.07 34.65
C GLU B 298 -5.15 41.86 33.74
N ALA B 299 -5.36 40.66 34.27
CA ALA B 299 -5.31 39.46 33.43
C ALA B 299 -6.57 39.30 32.59
N GLU B 300 -7.72 39.77 33.09
CA GLU B 300 -8.94 39.73 32.30
C GLU B 300 -8.85 40.66 31.09
N LEU B 301 -8.11 41.76 31.23
CA LEU B 301 -7.92 42.65 30.09
C LEU B 301 -7.07 42.00 29.01
N GLU B 302 -6.04 41.26 29.40
CA GLU B 302 -5.21 40.55 28.43
C GLU B 302 -6.00 39.46 27.72
N LEU B 303 -6.88 38.78 28.45
CA LEU B 303 -7.73 37.77 27.82
C LEU B 303 -8.73 38.41 26.87
N ALA B 304 -9.22 39.62 27.19
CA ALA B 304 -10.15 40.31 26.29
C ALA B 304 -9.44 40.82 25.05
N GLU B 305 -8.21 41.31 25.21
CA GLU B 305 -7.43 41.78 24.06
C GLU B 305 -7.15 40.63 23.10
N ASN B 306 -6.69 39.51 23.64
CA ASN B 306 -6.43 38.34 22.78
C ASN B 306 -7.71 37.80 22.18
N ARG B 307 -8.84 37.91 22.87
CA ARG B 307 -10.10 37.42 22.34
C ARG B 307 -10.55 38.25 21.13
N GLU B 308 -10.27 39.55 21.14
CA GLU B 308 -10.62 40.39 19.99
C GLU B 308 -9.65 40.21 18.83
N ILE B 309 -8.39 39.87 19.12
CA ILE B 309 -7.43 39.61 18.05
C ILE B 309 -7.86 38.39 17.25
N LEU B 310 -8.33 37.34 17.94
CA LEU B 310 -8.74 36.12 17.27
C LEU B 310 -10.04 36.29 16.48
N LYS B 311 -10.80 37.34 16.75
CA LYS B 311 -12.03 37.58 16.01
C LYS B 311 -11.73 37.93 14.55
N GLU B 312 -10.58 38.53 14.29
CA GLU B 312 -10.20 38.92 12.94
C GLU B 312 -9.56 37.74 12.21
N PRO B 313 -9.65 37.69 10.88
CA PRO B 313 -8.97 36.63 10.13
C PRO B 313 -7.46 36.85 10.11
N VAL B 314 -6.76 35.84 9.61
CA VAL B 314 -5.31 35.90 9.53
C VAL B 314 -4.89 36.83 8.40
N HIS B 315 -3.98 37.74 8.69
CA HIS B 315 -3.50 38.70 7.70
C HIS B 315 -2.31 38.14 6.95
N GLY B 316 -2.27 38.39 5.64
CA GLY B 316 -1.18 37.92 4.81
C GLY B 316 -1.36 36.53 4.25
N VAL B 317 -2.58 36.01 4.22
CA VAL B 317 -2.85 34.69 3.68
C VAL B 317 -3.30 34.82 2.23
N TYR B 318 -2.91 33.86 1.41
CA TYR B 318 -3.22 33.89 -0.01
C TYR B 318 -3.04 32.51 -0.61
N TYR B 319 -3.82 32.22 -1.64
CA TYR B 319 -3.72 30.97 -2.37
C TYR B 319 -2.82 31.16 -3.58
N ASP B 320 -1.73 30.39 -3.64
CA ASP B 320 -0.82 30.43 -4.76
C ASP B 320 -1.07 29.21 -5.64
N PRO B 321 -1.55 29.38 -6.87
CA PRO B 321 -1.84 28.21 -7.72
C PRO B 321 -0.61 27.39 -8.09
N SER B 322 0.60 27.91 -7.85
CA SER B 322 1.80 27.16 -8.17
C SER B 322 2.18 26.18 -7.08
N LYS B 323 1.87 26.48 -5.82
CA LYS B 323 2.20 25.60 -4.71
C LYS B 323 1.07 24.62 -4.44
N ASP B 324 1.43 23.48 -3.86
CA ASP B 324 0.47 22.43 -3.57
C ASP B 324 -0.32 22.74 -2.32
N LEU B 325 -1.51 22.15 -2.23
CA LEU B 325 -2.35 22.26 -1.04
C LEU B 325 -2.06 21.09 -0.10
N ILE B 326 -2.09 21.37 1.20
CA ILE B 326 -1.82 20.38 2.23
C ILE B 326 -3.02 20.29 3.15
N ALA B 327 -3.42 19.07 3.50
CA ALA B 327 -4.57 18.83 4.35
C ALA B 327 -4.15 17.95 5.52
N GLU B 328 -4.25 18.47 6.74
CA GLU B 328 -3.99 17.71 7.94
C GLU B 328 -5.32 17.35 8.62
N ILE B 329 -5.36 16.17 9.23
CA ILE B 329 -6.56 15.67 9.91
C ILE B 329 -6.16 15.19 11.30
N GLN B 330 -6.94 15.58 12.30
CA GLN B 330 -6.74 15.15 13.68
C GLN B 330 -7.97 14.38 14.14
N LYS B 331 -7.75 13.19 14.71
CA LYS B 331 -8.83 12.40 15.29
C LYS B 331 -9.15 12.95 16.67
N GLN B 332 -10.36 13.50 16.82
CA GLN B 332 -10.79 14.08 18.09
C GLN B 332 -11.62 13.13 18.94
N GLY B 333 -12.05 12.01 18.39
CA GLY B 333 -12.83 11.05 19.14
C GLY B 333 -14.33 11.29 19.03
N GLN B 334 -15.09 10.24 19.38
CA GLN B 334 -16.56 10.27 19.35
C GLN B 334 -17.07 10.62 17.96
N GLY B 335 -16.38 10.14 16.93
CA GLY B 335 -16.78 10.41 15.56
C GLY B 335 -16.52 11.81 15.07
N GLN B 336 -15.66 12.56 15.76
CA GLN B 336 -15.34 13.93 15.40
C GLN B 336 -13.93 13.99 14.83
N TRP B 337 -13.79 14.61 13.67
CA TRP B 337 -12.50 14.76 12.99
C TRP B 337 -12.34 16.20 12.55
N THR B 338 -11.26 16.84 13.00
CA THR B 338 -10.94 18.21 12.62
C THR B 338 -9.88 18.19 11.52
N TYR B 339 -9.90 19.22 10.67
CA TYR B 339 -8.99 19.28 9.55
C TYR B 339 -8.63 20.73 9.24
N GLN B 340 -7.46 20.89 8.61
CA GLN B 340 -6.96 22.19 8.18
C GLN B 340 -6.36 22.05 6.79
N ILE B 341 -6.60 23.05 5.94
CA ILE B 341 -6.04 23.11 4.60
C ILE B 341 -5.15 24.34 4.51
N TYR B 342 -3.94 24.16 4.01
CA TYR B 342 -2.97 25.25 3.93
C TYR B 342 -1.93 24.93 2.87
N GLN B 343 -1.18 25.97 2.49
CA GLN B 343 0.01 25.82 1.67
C GLN B 343 1.29 26.13 2.42
N GLU B 344 1.25 27.10 3.34
CA GLU B 344 2.34 27.42 4.24
C GLU B 344 1.92 27.12 5.68
N PRO B 345 2.84 26.65 6.52
CA PRO B 345 2.49 26.35 7.91
C PRO B 345 1.97 27.60 8.63
N PHE B 346 0.99 27.38 9.50
CA PHE B 346 0.35 28.43 10.31
C PHE B 346 -0.37 29.47 9.46
N LYS B 347 -0.65 29.14 8.20
CA LYS B 347 -1.42 30.00 7.29
C LYS B 347 -2.55 29.16 6.72
N ASN B 348 -3.57 28.92 7.54
CA ASN B 348 -4.67 28.05 7.16
C ASN B 348 -5.57 28.73 6.14
N LEU B 349 -5.81 28.05 5.02
CA LEU B 349 -6.73 28.57 4.01
C LEU B 349 -8.19 28.24 4.33
N LYS B 350 -8.44 27.10 4.97
CA LYS B 350 -9.78 26.75 5.41
C LYS B 350 -9.67 25.72 6.52
N THR B 351 -10.46 25.91 7.58
CA THR B 351 -10.55 24.98 8.68
C THR B 351 -11.98 24.49 8.83
N GLY B 352 -12.13 23.26 9.30
CA GLY B 352 -13.45 22.68 9.45
C GLY B 352 -13.45 21.56 10.45
N LYS B 353 -14.65 21.00 10.67
CA LYS B 353 -14.84 19.92 11.61
C LYS B 353 -16.07 19.12 11.19
N TYR B 354 -15.91 17.79 11.12
CA TYR B 354 -17.00 16.89 10.80
C TYR B 354 -17.47 16.18 12.07
N ALA B 355 -18.62 15.51 11.96
CA ALA B 355 -19.18 14.79 13.09
C ALA B 355 -20.21 13.79 12.58
N ARG B 356 -20.34 12.68 13.31
CA ARG B 356 -21.33 11.63 13.03
C ARG B 356 -21.20 11.11 11.59
N MET B 357 -20.12 10.36 11.39
CA MET B 357 -19.89 9.70 10.10
C MET B 357 -20.88 8.56 9.94
N ARG B 358 -21.79 8.70 8.97
CA ARG B 358 -22.82 7.70 8.76
C ARG B 358 -22.22 6.39 8.29
N GLY B 359 -22.72 5.28 8.84
CA GLY B 359 -22.24 3.96 8.49
C GLY B 359 -20.91 3.58 9.09
N ALA B 360 -20.40 4.34 10.05
CA ALA B 360 -19.09 4.05 10.64
C ALA B 360 -19.09 4.61 12.07
N HIS B 361 -19.55 3.79 13.01
CA HIS B 361 -19.50 4.15 14.43
C HIS B 361 -18.39 3.43 15.17
N THR B 362 -17.99 2.24 14.73
CA THR B 362 -16.92 1.47 15.35
C THR B 362 -15.74 1.27 14.40
N ASN B 363 -15.64 2.08 13.36
CA ASN B 363 -14.59 1.94 12.34
C ASN B 363 -13.98 3.31 12.10
N ASP B 364 -12.82 3.57 12.72
CA ASP B 364 -12.11 4.83 12.47
C ASP B 364 -11.63 4.94 11.03
N VAL B 365 -11.28 3.82 10.41
CA VAL B 365 -10.76 3.84 9.05
C VAL B 365 -11.84 4.33 8.08
N LYS B 366 -13.07 3.82 8.23
CA LYS B 366 -14.15 4.26 7.35
C LYS B 366 -14.49 5.72 7.59
N GLN B 367 -14.43 6.17 8.84
CA GLN B 367 -14.65 7.59 9.14
C GLN B 367 -13.57 8.44 8.50
N LEU B 368 -12.30 8.06 8.68
CA LEU B 368 -11.21 8.79 8.07
C LEU B 368 -11.29 8.77 6.56
N THR B 369 -11.66 7.62 5.98
CA THR B 369 -11.79 7.51 4.53
C THR B 369 -12.85 8.47 4.01
N GLU B 370 -14.03 8.47 4.62
CA GLU B 370 -15.08 9.39 4.20
C GLU B 370 -14.69 10.84 4.44
N ALA B 371 -13.91 11.10 5.49
CA ALA B 371 -13.46 12.46 5.75
C ALA B 371 -12.51 12.94 4.65
N VAL B 372 -11.62 12.06 4.18
CA VAL B 372 -10.72 12.43 3.09
C VAL B 372 -11.52 12.79 1.83
N GLN B 373 -12.61 12.07 1.57
CA GLN B 373 -13.43 12.34 0.40
C GLN B 373 -14.12 13.70 0.52
N LYS B 374 -14.64 14.02 1.71
CA LYS B 374 -15.36 15.27 1.89
C LYS B 374 -14.41 16.47 1.79
N ILE B 375 -13.21 16.36 2.37
CA ILE B 375 -12.26 17.47 2.32
C ILE B 375 -11.76 17.68 0.90
N THR B 376 -11.52 16.59 0.16
CA THR B 376 -11.11 16.73 -1.22
C THR B 376 -12.23 17.33 -2.06
N THR B 377 -13.48 16.94 -1.79
CA THR B 377 -14.62 17.53 -2.48
C THR B 377 -14.68 19.04 -2.24
N GLU B 378 -14.50 19.47 -0.99
CA GLU B 378 -14.48 20.89 -0.69
C GLU B 378 -13.32 21.59 -1.37
N SER B 379 -12.16 20.91 -1.44
N SER B 379 -12.16 20.92 -1.44
CA SER B 379 -11.00 21.51 -2.10
CA SER B 379 -10.99 21.52 -2.09
C SER B 379 -11.21 21.68 -3.60
C SER B 379 -11.19 21.65 -3.59
N ILE B 380 -12.06 20.83 -4.19
CA ILE B 380 -12.34 20.95 -5.62
C ILE B 380 -13.17 22.20 -5.90
N VAL B 381 -14.13 22.50 -5.02
CA VAL B 381 -15.03 23.63 -5.25
C VAL B 381 -14.29 24.94 -5.07
N ILE B 382 -13.33 25.00 -4.15
CA ILE B 382 -12.71 26.27 -3.80
C ILE B 382 -11.56 26.61 -4.75
N TRP B 383 -10.65 25.65 -4.98
CA TRP B 383 -9.45 25.91 -5.74
C TRP B 383 -9.33 25.12 -7.04
N GLY B 384 -10.08 24.02 -7.18
CA GLY B 384 -10.00 23.26 -8.41
C GLY B 384 -8.86 22.29 -8.50
N LYS B 385 -8.40 21.75 -7.37
CA LYS B 385 -7.35 20.73 -7.36
C LYS B 385 -7.40 20.00 -6.03
N THR B 386 -6.61 18.93 -5.94
CA THR B 386 -6.62 18.09 -4.74
C THR B 386 -5.40 18.37 -3.88
N PRO B 387 -5.55 18.31 -2.56
CA PRO B 387 -4.40 18.47 -1.67
C PRO B 387 -3.76 17.14 -1.31
N LYS B 388 -2.53 17.22 -0.81
CA LYS B 388 -1.81 16.06 -0.31
C LYS B 388 -2.11 15.90 1.18
N PHE B 389 -2.59 14.72 1.56
CA PHE B 389 -3.08 14.50 2.90
C PHE B 389 -1.97 14.05 3.84
N LYS B 390 -2.07 14.49 5.09
CA LYS B 390 -1.25 13.99 6.19
C LYS B 390 -2.18 13.20 7.09
N LEU B 391 -2.17 11.88 6.92
CA LEU B 391 -3.17 11.02 7.57
C LEU B 391 -2.65 10.53 8.92
N PRO B 392 -3.46 10.65 9.99
CA PRO B 392 -3.06 10.12 11.31
C PRO B 392 -3.36 8.63 11.41
N ILE B 393 -2.56 7.83 10.72
CA ILE B 393 -2.78 6.38 10.63
C ILE B 393 -1.51 5.74 10.09
N GLN B 394 -1.23 4.51 10.52
N GLN B 394 -1.23 4.51 10.51
CA GLN B 394 -0.08 3.79 9.98
CA GLN B 394 -0.10 3.77 9.99
C GLN B 394 -0.29 3.45 8.52
C GLN B 394 -0.30 3.45 8.51
N LYS B 395 0.81 3.33 7.79
CA LYS B 395 0.75 3.07 6.35
C LYS B 395 0.13 1.71 6.06
N GLU B 396 0.48 0.69 6.84
CA GLU B 396 0.00 -0.66 6.56
C GLU B 396 -1.49 -0.78 6.80
N THR B 397 -2.04 -0.05 7.77
CA THR B 397 -3.47 -0.13 8.05
C THR B 397 -4.28 0.61 7.00
N TRP B 398 -3.79 1.78 6.56
CA TRP B 398 -4.53 2.56 5.57
C TRP B 398 -4.56 1.86 4.22
N GLU B 399 -3.41 1.41 3.74
CA GLU B 399 -3.34 0.78 2.42
C GLU B 399 -4.12 -0.52 2.36
N THR B 400 -4.46 -1.11 3.49
CA THR B 400 -5.19 -2.38 3.51
C THR B 400 -6.69 -2.18 3.38
N TRP B 401 -7.23 -1.06 3.83
CA TRP B 401 -8.68 -0.90 3.96
C TRP B 401 -9.28 0.31 3.28
N TRP B 402 -8.48 1.25 2.77
CA TRP B 402 -9.07 2.49 2.25
C TRP B 402 -9.88 2.24 0.97
N THR B 403 -9.49 1.24 0.17
CA THR B 403 -10.24 0.94 -1.04
C THR B 403 -11.62 0.36 -0.74
N GLU B 404 -11.82 -0.19 0.46
CA GLU B 404 -13.09 -0.82 0.78
C GLU B 404 -14.19 0.20 1.04
N TYR B 405 -13.84 1.45 1.35
CA TYR B 405 -14.83 2.48 1.65
C TYR B 405 -14.75 3.65 0.69
N TRP B 406 -13.93 3.56 -0.35
CA TRP B 406 -13.79 4.65 -1.32
C TRP B 406 -14.98 4.66 -2.27
N GLN B 407 -15.51 5.86 -2.53
CA GLN B 407 -16.71 5.98 -3.34
C GLN B 407 -16.63 7.08 -4.40
N ALA B 408 -15.47 7.68 -4.62
CA ALA B 408 -15.32 8.72 -5.63
C ALA B 408 -14.42 8.24 -6.77
N THR B 409 -14.56 8.91 -7.91
CA THR B 409 -13.82 8.54 -9.11
C THR B 409 -12.38 9.05 -9.12
N TRP B 410 -12.03 9.95 -8.20
CA TRP B 410 -10.69 10.50 -8.11
C TRP B 410 -10.01 10.05 -6.82
N ILE B 411 -8.68 10.07 -6.84
CA ILE B 411 -7.86 9.64 -5.71
C ILE B 411 -6.78 10.69 -5.47
N PRO B 412 -6.69 11.27 -4.26
CA PRO B 412 -5.61 12.23 -3.99
C PRO B 412 -4.35 11.55 -3.51
N GLU B 413 -3.31 12.34 -3.24
CA GLU B 413 -2.09 11.84 -2.65
C GLU B 413 -2.16 11.97 -1.13
N TRP B 414 -1.40 11.12 -0.44
CA TRP B 414 -1.43 11.14 1.02
C TRP B 414 -0.08 10.68 1.57
N GLU B 415 0.25 11.19 2.75
CA GLU B 415 1.38 10.73 3.54
C GLU B 415 0.89 10.45 4.95
N PHE B 416 1.72 9.75 5.72
CA PHE B 416 1.31 9.22 7.02
C PHE B 416 2.07 9.90 8.15
N VAL B 417 1.35 10.21 9.23
CA VAL B 417 1.92 10.87 10.40
C VAL B 417 2.07 9.82 11.50
N ASN B 418 3.31 9.64 11.98
CA ASN B 418 3.60 8.64 13.00
C ASN B 418 3.85 9.24 14.38
N THR B 419 3.98 10.56 14.49
CA THR B 419 4.20 11.23 15.75
C THR B 419 2.94 11.99 16.16
N PRO B 420 2.43 11.79 17.38
CA PRO B 420 1.20 12.44 17.80
C PRO B 420 1.36 13.95 17.84
N PRO B 421 0.54 14.68 17.09
CA PRO B 421 0.66 16.15 17.09
C PRO B 421 0.11 16.75 18.37
N LEU B 422 0.77 17.80 18.85
CA LEU B 422 0.29 18.53 20.01
C LEU B 422 -0.81 19.52 19.66
N VAL B 423 -0.93 19.89 18.39
CA VAL B 423 -1.96 20.82 17.95
C VAL B 423 -3.37 20.26 18.06
N LYS B 424 -3.49 18.96 18.34
CA LYS B 424 -4.81 18.34 18.46
C LYS B 424 -5.62 18.96 19.59
N LEU B 425 -4.95 19.30 20.70
CA LEU B 425 -5.66 19.82 21.86
C LEU B 425 -6.28 21.18 21.61
N TRP B 426 -5.71 21.97 20.70
N TRP B 426 -5.70 21.98 20.71
CA TRP B 426 -6.17 23.33 20.47
CA TRP B 426 -6.20 23.32 20.45
C TRP B 426 -7.13 23.45 19.29
C TRP B 426 -7.31 23.35 19.40
N TYR B 427 -7.27 22.40 18.48
N TYR B 427 -7.28 22.44 18.44
CA TYR B 427 -8.32 22.35 17.47
CA TYR B 427 -8.36 22.36 17.45
C TYR B 427 -9.57 21.61 17.97
C TYR B 427 -9.60 21.66 17.99
N GLN B 428 -9.55 21.12 19.20
CA GLN B 428 -10.68 20.41 19.77
C GLN B 428 -11.79 21.38 20.17
C1 EDO C . -0.67 0.89 26.99
O1 EDO C . -0.35 2.28 27.14
C2 EDO C . 0.60 0.10 26.82
O2 EDO C . 0.29 -1.30 26.69
S SO4 D . 19.11 5.29 27.22
O1 SO4 D . 18.87 5.38 28.66
O2 SO4 D . 18.14 6.12 26.51
O3 SO4 D . 18.98 3.91 26.78
O4 SO4 D . 20.46 5.77 26.92
S SO4 E . 7.95 -9.46 25.86
O1 SO4 E . 7.49 -8.65 26.98
O2 SO4 E . 7.34 -10.78 25.93
O3 SO4 E . 7.57 -8.81 24.61
O4 SO4 E . 9.40 -9.60 25.91
S SO4 F . -2.78 2.89 35.43
O1 SO4 F . -3.87 2.45 36.30
O2 SO4 F . -2.36 4.24 35.81
O3 SO4 F . -3.24 2.90 34.05
O4 SO4 F . -1.64 1.97 35.56
S DMS G . -2.21 17.91 28.41
O DMS G . -2.11 19.36 28.07
C1 DMS G . -1.24 16.94 27.22
C2 DMS G . -3.88 17.30 28.03
S SO4 H . 8.47 -27.92 -10.56
O1 SO4 H . 7.68 -29.12 -10.35
O2 SO4 H . 9.19 -27.59 -9.34
O3 SO4 H . 7.58 -26.81 -10.91
O4 SO4 H . 9.41 -28.13 -11.65
C1 EDO I . -0.08 -12.21 -27.81
O1 EDO I . -1.37 -11.62 -27.96
C2 EDO I . -0.23 -13.71 -27.54
O2 EDO I . -0.90 -14.32 -28.65
MG MG J . 12.81 23.79 30.53
O1 PKX K . -2.83 -26.77 -10.39
N2 PKX K . -4.90 -28.69 -6.77
C3 PKX K . -1.43 -35.48 -6.83
C4 PKX K . -4.00 -36.41 -6.45
C5 PKX K . -3.63 -35.16 -5.97
N PKX K . -4.48 -39.18 -7.03
C PKX K . -3.47 -38.57 -7.63
O PKX K . -2.84 -39.07 -8.56
C1 PKX K . -3.08 -37.21 -7.13
C10 PKX K . -2.52 -31.07 -5.03
C11 PKX K . -3.59 -29.99 -5.17
C12 PKX K . -3.81 -29.65 -6.64
C13 PKX K . -4.91 -27.75 -7.74
C14 PKX K . -3.86 -26.81 -9.50
C15 PKX K . -1.69 -27.52 -10.13
C16 PKX K . -1.67 -28.85 -10.55
C17 PKX K . -2.82 -29.46 -11.30
C18 PKX K . -0.53 -29.59 -10.27
C19 PKX K . 0.55 -29.02 -9.62
C2 PKX K . -1.79 -36.72 -7.31
C20 PKX K . 1.73 -29.80 -9.35
C21 PKX K . 0.50 -27.68 -9.21
C22 PKX K . -0.63 -26.91 -9.47
C23 PKX K . -0.68 -25.46 -9.06
C24 PKX K . -4.92 -25.87 -9.70
C25 PKX K . -5.01 -24.87 -10.70
C26 PKX K . -6.08 -24.03 -10.76
C27 PKX K . -5.21 -22.86 -12.64
C28 PKX K . -7.14 -24.17 -9.83
C29 PKX K . -9.26 -23.35 -9.09
C30 PKX K . -7.09 -25.12 -8.86
C31 PKX K . -5.98 -25.99 -8.76
C6 PKX K . -2.35 -34.69 -6.14
C7 PKX K . -1.93 -33.35 -5.56
C8 PKX K . -3.03 -31.95 -7.20
C9 PKX K . -4.11 -30.90 -7.43
N1 PKX K . -2.90 -32.28 -5.77
N3 PKX K . -3.85 -27.72 -8.56
N4 PKX K . 2.66 -30.44 -9.16
N5 PKX K . -5.98 -26.94 -7.77
O2 PKX K . -6.24 -23.04 -11.68
O3 PKX K . -8.17 -23.28 -9.99
C1 EDO L . -2.38 0.80 -1.91
O1 EDO L . -2.74 1.81 -0.96
C2 EDO L . -3.32 -0.39 -1.75
O2 EDO L . -4.68 0.03 -1.95
S SO4 M . -23.10 19.69 2.64
O1 SO4 M . -22.72 19.94 4.02
O2 SO4 M . -24.57 19.71 2.52
O3 SO4 M . -22.54 20.72 1.77
O4 SO4 M . -22.60 18.38 2.23
C1 EDO N . -8.81 -13.64 -12.93
O1 EDO N . -9.81 -12.65 -13.19
C2 EDO N . -8.53 -14.43 -14.21
O2 EDO N . -9.74 -15.03 -14.66
S SO4 O . 7.33 -0.06 -25.80
O1 SO4 O . 5.96 0.30 -26.13
O2 SO4 O . 7.37 -0.67 -24.47
O3 SO4 O . 8.17 1.13 -25.81
O4 SO4 O . 7.84 -1.02 -26.78
C1 EDO P . 4.59 25.07 20.74
O1 EDO P . 4.21 26.33 20.16
C2 EDO P . 3.95 23.94 19.95
O2 EDO P . 2.53 24.11 19.94
S SO4 Q . -8.88 10.89 21.37
O1 SO4 Q . -7.72 11.24 22.19
O2 SO4 Q . -9.95 10.40 22.22
O3 SO4 Q . -8.51 9.86 20.41
O4 SO4 Q . -9.33 12.08 20.65
#